data_2RV0
#
_entry.id   2RV0
#
loop_
_entity.id
_entity.type
_entity.pdbx_description
1 polymer 'Zinc finger protein ZFAT'
2 non-polymer 'ZINC ION'
#
_entity_poly.entity_id   1
_entity_poly.type   'polypeptide(L)'
_entity_poly.pdbx_seq_one_letter_code
;GSSGSSGRSYSCPVCEKSFSEDRLIKSHIKTNHPEVS
;
_entity_poly.pdbx_strand_id   A
#
# COMPACT_ATOMS: atom_id res chain seq x y z
N GLY A 1 5.28 21.46 21.97
CA GLY A 1 4.63 20.29 22.63
C GLY A 1 4.92 19.00 21.90
N SER A 2 4.69 17.86 22.57
CA SER A 2 4.89 16.51 22.00
C SER A 2 3.78 16.12 21.02
N SER A 3 4.08 15.20 20.09
CA SER A 3 3.16 14.75 19.03
C SER A 3 1.99 13.91 19.58
N GLY A 4 0.80 14.06 18.97
CA GLY A 4 -0.39 13.25 19.24
C GLY A 4 -0.35 11.87 18.56
N SER A 5 -1.44 11.09 18.74
CA SER A 5 -1.63 9.78 18.11
C SER A 5 -1.72 9.88 16.58
N SER A 6 -1.25 8.83 15.87
CA SER A 6 -1.21 8.77 14.40
C SER A 6 -1.44 7.35 13.85
N GLY A 7 -1.93 7.26 12.62
CA GLY A 7 -2.17 6.03 11.86
C GLY A 7 -2.61 6.35 10.43
N ARG A 8 -2.15 5.55 9.45
CA ARG A 8 -2.30 5.82 8.00
C ARG A 8 -2.60 4.57 7.18
N SER A 9 -3.23 4.77 6.03
CA SER A 9 -3.43 3.78 4.96
C SER A 9 -2.52 4.09 3.75
N TYR A 10 -2.38 3.12 2.84
CA TYR A 10 -1.39 3.14 1.75
C TYR A 10 -2.03 2.73 0.41
N SER A 11 -1.41 3.14 -0.71
CA SER A 11 -1.86 2.81 -2.08
C SER A 11 -0.68 2.42 -2.97
N CYS A 12 -0.82 1.34 -3.75
CA CYS A 12 0.23 0.79 -4.60
C CYS A 12 0.76 1.83 -5.63
N PRO A 13 2.08 2.05 -5.71
CA PRO A 13 2.67 2.99 -6.67
C PRO A 13 2.61 2.48 -8.13
N VAL A 14 2.20 1.23 -8.37
CA VAL A 14 2.22 0.58 -9.70
C VAL A 14 0.81 0.23 -10.22
N CYS A 15 -0.14 -0.14 -9.34
CA CYS A 15 -1.51 -0.53 -9.71
C CYS A 15 -2.65 0.11 -8.89
N GLU A 16 -2.31 1.04 -7.99
CA GLU A 16 -3.23 1.89 -7.20
C GLU A 16 -4.18 1.13 -6.23
N LYS A 17 -3.95 -0.17 -5.98
CA LYS A 17 -4.67 -0.94 -4.95
C LYS A 17 -4.43 -0.36 -3.54
N SER A 18 -5.47 -0.30 -2.72
CA SER A 18 -5.41 0.15 -1.32
C SER A 18 -4.92 -0.94 -0.35
N PHE A 19 -4.23 -0.53 0.71
CA PHE A 19 -3.69 -1.35 1.80
C PHE A 19 -3.82 -0.65 3.16
N SER A 20 -4.01 -1.44 4.22
CA SER A 20 -4.23 -0.95 5.59
C SER A 20 -2.96 -0.84 6.44
N GLU A 21 -1.85 -1.49 6.05
CA GLU A 21 -0.58 -1.52 6.80
C GLU A 21 0.65 -1.47 5.88
N ASP A 22 1.74 -0.89 6.39
CA ASP A 22 3.02 -0.71 5.67
C ASP A 22 3.66 -2.06 5.25
N ARG A 23 3.54 -3.09 6.09
CA ARG A 23 4.02 -4.45 5.79
C ARG A 23 3.25 -5.13 4.65
N LEU A 24 1.96 -4.81 4.48
CA LEU A 24 1.11 -5.43 3.47
C LEU A 24 1.35 -4.86 2.07
N ILE A 25 1.50 -3.52 1.96
CA ILE A 25 1.90 -2.90 0.68
C ILE A 25 3.34 -3.29 0.29
N LYS A 26 4.27 -3.38 1.25
CA LYS A 26 5.64 -3.88 0.98
C LYS A 26 5.64 -5.34 0.51
N SER A 27 4.83 -6.20 1.12
CA SER A 27 4.64 -7.59 0.66
C SER A 27 4.07 -7.64 -0.78
N HIS A 28 3.10 -6.77 -1.10
CA HIS A 28 2.54 -6.65 -2.45
C HIS A 28 3.58 -6.18 -3.48
N ILE A 29 4.36 -5.14 -3.16
CA ILE A 29 5.45 -4.65 -4.03
C ILE A 29 6.49 -5.77 -4.26
N LYS A 30 6.86 -6.53 -3.23
CA LYS A 30 7.84 -7.64 -3.34
C LYS A 30 7.34 -8.83 -4.18
N THR A 31 6.05 -9.13 -4.14
CA THR A 31 5.45 -10.28 -4.84
C THR A 31 4.96 -9.97 -6.26
N ASN A 32 4.42 -8.77 -6.49
CA ASN A 32 3.75 -8.38 -7.75
C ASN A 32 4.60 -7.40 -8.58
N HIS A 33 5.47 -6.59 -7.96
CA HIS A 33 6.21 -5.50 -8.60
C HIS A 33 7.73 -5.47 -8.24
N PRO A 34 8.45 -6.62 -8.15
CA PRO A 34 9.82 -6.65 -7.61
C PRO A 34 10.84 -5.82 -8.39
N GLU A 35 10.73 -5.77 -9.72
CA GLU A 35 11.60 -4.96 -10.60
C GLU A 35 11.29 -3.45 -10.55
N VAL A 36 10.26 -3.05 -9.80
CA VAL A 36 9.74 -1.68 -9.64
C VAL A 36 9.95 -1.13 -8.22
N SER A 37 10.48 -1.95 -7.31
CA SER A 37 10.78 -1.62 -5.90
C SER A 37 11.96 -0.64 -5.76
N GLY A 1 -20.79 7.90 11.83
CA GLY A 1 -19.78 7.94 12.90
C GLY A 1 -18.99 9.25 12.89
N SER A 2 -17.75 9.21 13.37
CA SER A 2 -16.85 10.39 13.45
C SER A 2 -16.43 10.91 12.07
N SER A 3 -16.12 12.21 11.98
CA SER A 3 -15.76 12.90 10.73
C SER A 3 -14.37 12.53 10.18
N GLY A 4 -13.51 11.92 11.01
CA GLY A 4 -12.17 11.46 10.64
C GLY A 4 -11.43 10.80 11.82
N SER A 5 -10.19 10.35 11.57
CA SER A 5 -9.30 9.73 12.57
C SER A 5 -7.81 10.00 12.27
N SER A 6 -6.94 9.71 13.23
CA SER A 6 -5.48 9.93 13.13
C SER A 6 -4.72 8.85 12.33
N GLY A 7 -5.40 7.77 11.91
CA GLY A 7 -4.82 6.65 11.17
C GLY A 7 -4.47 6.96 9.70
N ARG A 8 -3.72 6.05 9.06
CA ARG A 8 -3.24 6.15 7.66
C ARG A 8 -3.44 4.84 6.89
N SER A 9 -3.53 4.96 5.56
CA SER A 9 -3.57 3.84 4.59
C SER A 9 -2.50 4.01 3.50
N TYR A 10 -2.25 2.93 2.75
CA TYR A 10 -1.13 2.81 1.80
C TYR A 10 -1.64 2.41 0.41
N SER A 11 -0.98 2.89 -0.65
CA SER A 11 -1.43 2.73 -2.05
C SER A 11 -0.31 2.22 -2.96
N CYS A 12 -0.61 1.26 -3.83
CA CYS A 12 0.34 0.65 -4.75
C CYS A 12 0.95 1.69 -5.73
N PRO A 13 2.29 1.72 -5.91
CA PRO A 13 2.96 2.63 -6.84
C PRO A 13 2.78 2.23 -8.32
N VAL A 14 2.21 1.05 -8.62
CA VAL A 14 2.11 0.49 -9.99
C VAL A 14 0.66 0.21 -10.44
N CYS A 15 -0.21 -0.26 -9.53
CA CYS A 15 -1.60 -0.65 -9.86
C CYS A 15 -2.70 -0.05 -8.95
N GLU A 16 -2.33 0.97 -8.19
CA GLU A 16 -3.19 1.88 -7.39
C GLU A 16 -4.04 1.24 -6.26
N LYS A 17 -3.90 -0.07 -5.99
CA LYS A 17 -4.66 -0.80 -4.96
C LYS A 17 -4.33 -0.33 -3.53
N SER A 18 -5.32 -0.38 -2.65
CA SER A 18 -5.26 0.11 -1.27
C SER A 18 -4.95 -1.00 -0.25
N PHE A 19 -4.11 -0.68 0.75
CA PHE A 19 -3.65 -1.58 1.80
C PHE A 19 -3.65 -0.89 3.18
N SER A 20 -3.91 -1.67 4.24
CA SER A 20 -4.16 -1.13 5.60
C SER A 20 -2.92 -0.95 6.47
N GLU A 21 -1.76 -1.52 6.08
CA GLU A 21 -0.52 -1.54 6.87
C GLU A 21 0.72 -1.38 5.98
N ASP A 22 1.79 -0.81 6.53
CA ASP A 22 3.06 -0.61 5.81
C ASP A 22 3.82 -1.93 5.55
N ARG A 23 3.45 -3.03 6.21
CA ARG A 23 3.93 -4.39 5.90
C ARG A 23 3.16 -5.04 4.75
N LEU A 24 1.87 -4.74 4.60
CA LEU A 24 1.02 -5.29 3.53
C LEU A 24 1.38 -4.67 2.17
N ILE A 25 1.68 -3.36 2.13
CA ILE A 25 2.16 -2.69 0.91
C ILE A 25 3.53 -3.23 0.48
N LYS A 26 4.45 -3.51 1.42
CA LYS A 26 5.75 -4.14 1.14
C LYS A 26 5.57 -5.54 0.56
N SER A 27 4.71 -6.37 1.15
CA SER A 27 4.39 -7.70 0.60
C SER A 27 3.80 -7.62 -0.81
N HIS A 28 2.90 -6.68 -1.09
CA HIS A 28 2.34 -6.48 -2.44
C HIS A 28 3.40 -6.06 -3.46
N ILE A 29 4.25 -5.07 -3.11
CA ILE A 29 5.34 -4.62 -3.99
C ILE A 29 6.33 -5.77 -4.26
N LYS A 30 6.69 -6.57 -3.25
CA LYS A 30 7.66 -7.68 -3.39
C LYS A 30 7.11 -8.86 -4.22
N THR A 31 5.81 -9.15 -4.14
CA THR A 31 5.18 -10.27 -4.86
C THR A 31 4.74 -9.92 -6.28
N ASN A 32 4.28 -8.69 -6.53
CA ASN A 32 3.67 -8.28 -7.79
C ASN A 32 4.55 -7.32 -8.62
N HIS A 33 5.41 -6.51 -7.98
CA HIS A 33 6.14 -5.39 -8.62
C HIS A 33 7.63 -5.26 -8.20
N PRO A 34 8.42 -6.36 -8.00
CA PRO A 34 9.77 -6.27 -7.45
C PRO A 34 10.76 -5.45 -8.30
N GLU A 35 10.46 -5.25 -9.59
CA GLU A 35 11.22 -4.39 -10.50
C GLU A 35 11.14 -2.87 -10.19
N VAL A 36 10.19 -2.43 -9.35
CA VAL A 36 10.00 -1.00 -9.01
C VAL A 36 10.97 -0.50 -7.94
N SER A 37 11.57 -1.41 -7.17
CA SER A 37 12.51 -1.13 -6.06
C SER A 37 13.89 -0.62 -6.54
N GLY A 1 -20.45 16.90 4.98
CA GLY A 1 -19.60 15.72 5.25
C GLY A 1 -18.19 16.11 5.65
N SER A 2 -17.22 15.22 5.41
CA SER A 2 -15.79 15.45 5.68
C SER A 2 -15.11 16.35 4.62
N SER A 3 -13.94 16.89 4.96
CA SER A 3 -13.17 17.81 4.10
C SER A 3 -12.48 17.13 2.90
N GLY A 4 -12.35 15.80 2.92
CA GLY A 4 -11.73 15.00 1.86
C GLY A 4 -11.55 13.52 2.22
N SER A 5 -11.07 12.73 1.26
CA SER A 5 -10.90 11.26 1.38
C SER A 5 -9.56 10.82 2.01
N SER A 6 -8.93 11.68 2.81
CA SER A 6 -7.63 11.45 3.46
C SER A 6 -7.70 10.44 4.62
N GLY A 7 -6.56 9.82 4.93
CA GLY A 7 -6.41 8.81 5.99
C GLY A 7 -4.98 8.24 6.08
N ARG A 8 -4.78 7.27 6.99
CA ARG A 8 -3.47 6.63 7.26
C ARG A 8 -3.16 5.43 6.36
N SER A 9 -4.11 5.00 5.53
CA SER A 9 -3.98 3.87 4.59
C SER A 9 -2.96 4.12 3.47
N TYR A 10 -2.45 3.04 2.88
CA TYR A 10 -1.43 3.03 1.83
C TYR A 10 -2.05 2.63 0.47
N SER A 11 -1.45 3.04 -0.64
CA SER A 11 -1.83 2.59 -1.99
C SER A 11 -0.63 2.32 -2.91
N CYS A 12 -0.74 1.28 -3.75
CA CYS A 12 0.31 0.79 -4.62
C CYS A 12 0.84 1.87 -5.59
N PRO A 13 2.17 2.07 -5.70
CA PRO A 13 2.76 3.03 -6.62
C PRO A 13 2.70 2.58 -8.10
N VAL A 14 2.29 1.34 -8.39
CA VAL A 14 2.26 0.76 -9.74
C VAL A 14 0.84 0.46 -10.24
N CYS A 15 -0.08 0.01 -9.37
CA CYS A 15 -1.45 -0.41 -9.73
C CYS A 15 -2.59 0.10 -8.83
N GLU A 16 -2.26 1.05 -7.95
CA GLU A 16 -3.16 1.86 -7.11
C GLU A 16 -4.06 1.11 -6.08
N LYS A 17 -3.87 -0.20 -5.91
CA LYS A 17 -4.59 -1.02 -4.90
C LYS A 17 -4.26 -0.58 -3.48
N SER A 18 -5.26 -0.61 -2.59
CA SER A 18 -5.18 -0.07 -1.23
C SER A 18 -4.84 -1.14 -0.17
N PHE A 19 -4.09 -0.72 0.87
CA PHE A 19 -3.58 -1.57 1.96
C PHE A 19 -3.64 -0.83 3.31
N SER A 20 -3.92 -1.56 4.39
CA SER A 20 -4.11 -0.99 5.74
C SER A 20 -2.80 -0.72 6.50
N GLU A 21 -1.70 -1.35 6.11
CA GLU A 21 -0.42 -1.35 6.84
C GLU A 21 0.79 -1.32 5.88
N ASP A 22 1.91 -0.74 6.34
CA ASP A 22 3.15 -0.59 5.55
C ASP A 22 3.76 -1.95 5.14
N ARG A 23 3.64 -2.97 6.01
CA ARG A 23 4.08 -4.34 5.70
C ARG A 23 3.23 -5.02 4.62
N LEU A 24 1.94 -4.69 4.51
CA LEU A 24 1.04 -5.28 3.52
C LEU A 24 1.32 -4.74 2.11
N ILE A 25 1.53 -3.42 1.98
CA ILE A 25 1.96 -2.83 0.69
C ILE A 25 3.38 -3.28 0.32
N LYS A 26 4.32 -3.41 1.27
CA LYS A 26 5.64 -3.99 0.98
C LYS A 26 5.56 -5.43 0.47
N SER A 27 4.73 -6.28 1.06
CA SER A 27 4.49 -7.64 0.55
C SER A 27 3.86 -7.65 -0.84
N HIS A 28 2.95 -6.72 -1.14
CA HIS A 28 2.41 -6.55 -2.50
C HIS A 28 3.48 -6.13 -3.51
N ILE A 29 4.32 -5.15 -3.17
CA ILE A 29 5.44 -4.70 -4.02
C ILE A 29 6.43 -5.86 -4.25
N LYS A 30 6.75 -6.67 -3.24
CA LYS A 30 7.67 -7.82 -3.37
C LYS A 30 7.12 -8.95 -4.24
N THR A 31 5.81 -9.20 -4.21
CA THR A 31 5.16 -10.30 -4.94
C THR A 31 4.73 -9.94 -6.36
N ASN A 32 4.30 -8.68 -6.59
CA ASN A 32 3.72 -8.23 -7.86
C ASN A 32 4.64 -7.27 -8.66
N HIS A 33 5.52 -6.52 -7.99
CA HIS A 33 6.32 -5.44 -8.59
C HIS A 33 7.82 -5.45 -8.20
N PRO A 34 8.52 -6.61 -8.11
CA PRO A 34 9.87 -6.68 -7.54
C PRO A 34 10.95 -5.95 -8.36
N GLU A 35 10.73 -5.74 -9.66
CA GLU A 35 11.63 -4.98 -10.55
C GLU A 35 11.31 -3.47 -10.62
N VAL A 36 10.32 -3.00 -9.83
CA VAL A 36 9.73 -1.65 -9.90
C VAL A 36 9.87 -0.86 -8.58
N SER A 37 10.48 -1.47 -7.55
CA SER A 37 10.73 -0.88 -6.22
C SER A 37 11.83 0.20 -6.19
N GLY A 1 -11.40 1.43 -0.03
CA GLY A 1 -10.21 2.12 -0.59
C GLY A 1 -9.29 2.61 0.53
N SER A 2 -8.86 3.87 0.45
CA SER A 2 -8.02 4.54 1.46
C SER A 2 -8.80 4.95 2.73
N SER A 3 -8.08 5.32 3.79
CA SER A 3 -8.64 5.83 5.06
C SER A 3 -9.01 7.32 5.00
N GLY A 4 -8.61 8.04 3.94
CA GLY A 4 -8.90 9.46 3.75
C GLY A 4 -8.32 10.35 4.85
N SER A 5 -9.06 11.37 5.27
CA SER A 5 -8.68 12.29 6.36
C SER A 5 -8.71 11.65 7.76
N SER A 6 -9.31 10.47 7.91
CA SER A 6 -9.56 9.81 9.20
C SER A 6 -8.37 9.01 9.77
N GLY A 7 -7.32 8.77 8.98
CA GLY A 7 -6.12 8.04 9.42
C GLY A 7 -5.11 7.74 8.31
N ARG A 8 -4.06 6.98 8.65
CA ARG A 8 -3.00 6.53 7.73
C ARG A 8 -3.58 5.65 6.60
N SER A 9 -3.10 5.89 5.38
CA SER A 9 -3.43 5.12 4.17
C SER A 9 -2.18 4.64 3.44
N TYR A 10 -2.29 3.53 2.70
CA TYR A 10 -1.28 3.03 1.77
C TYR A 10 -1.95 2.62 0.45
N SER A 11 -1.35 2.96 -0.69
CA SER A 11 -1.79 2.50 -2.02
C SER A 11 -0.62 2.21 -2.96
N CYS A 12 -0.74 1.15 -3.77
CA CYS A 12 0.32 0.62 -4.63
C CYS A 12 0.87 1.67 -5.62
N PRO A 13 2.20 1.83 -5.75
CA PRO A 13 2.81 2.77 -6.69
C PRO A 13 2.67 2.35 -8.17
N VAL A 14 2.21 1.11 -8.45
CA VAL A 14 2.11 0.56 -9.82
C VAL A 14 0.67 0.30 -10.26
N CYS A 15 -0.21 -0.17 -9.37
CA CYS A 15 -1.61 -0.54 -9.69
C CYS A 15 -2.70 0.08 -8.78
N GLU A 16 -2.29 0.97 -7.87
CA GLU A 16 -3.14 1.77 -6.97
C GLU A 16 -4.06 0.99 -6.00
N LYS A 17 -3.85 -0.33 -5.86
CA LYS A 17 -4.53 -1.17 -4.85
C LYS A 17 -4.29 -0.64 -3.44
N SER A 18 -5.35 -0.55 -2.62
CA SER A 18 -5.30 0.00 -1.25
C SER A 18 -4.90 -1.05 -0.20
N PHE A 19 -4.17 -0.62 0.82
CA PHE A 19 -3.71 -1.43 1.95
C PHE A 19 -3.82 -0.66 3.29
N SER A 20 -4.00 -1.39 4.39
CA SER A 20 -4.19 -0.84 5.75
C SER A 20 -2.92 -0.81 6.61
N GLU A 21 -1.84 -1.47 6.18
CA GLU A 21 -0.56 -1.56 6.90
C GLU A 21 0.64 -1.48 5.93
N ASP A 22 1.78 -0.98 6.40
CA ASP A 22 3.01 -0.88 5.60
C ASP A 22 3.55 -2.26 5.19
N ARG A 23 3.44 -3.27 6.06
CA ARG A 23 3.86 -4.66 5.77
C ARG A 23 3.05 -5.32 4.66
N LEU A 24 1.78 -4.93 4.48
CA LEU A 24 0.91 -5.47 3.44
C LEU A 24 1.24 -4.89 2.05
N ILE A 25 1.46 -3.57 1.95
CA ILE A 25 1.91 -2.96 0.69
C ILE A 25 3.35 -3.38 0.34
N LYS A 26 4.26 -3.51 1.32
CA LYS A 26 5.61 -4.05 1.10
C LYS A 26 5.57 -5.47 0.56
N SER A 27 4.72 -6.34 1.13
CA SER A 27 4.50 -7.70 0.62
C SER A 27 3.95 -7.69 -0.81
N HIS A 28 3.00 -6.80 -1.12
CA HIS A 28 2.46 -6.66 -2.48
C HIS A 28 3.51 -6.20 -3.49
N ILE A 29 4.31 -5.18 -3.17
CA ILE A 29 5.41 -4.71 -4.02
C ILE A 29 6.41 -5.85 -4.27
N LYS A 30 6.80 -6.60 -3.23
CA LYS A 30 7.78 -7.70 -3.35
C LYS A 30 7.29 -8.90 -4.16
N THR A 31 5.99 -9.18 -4.17
CA THR A 31 5.37 -10.32 -4.88
C THR A 31 4.90 -9.98 -6.29
N ASN A 32 4.38 -8.76 -6.52
CA ASN A 32 3.74 -8.37 -7.78
C ASN A 32 4.58 -7.38 -8.62
N HIS A 33 5.47 -6.59 -8.00
CA HIS A 33 6.22 -5.51 -8.67
C HIS A 33 7.73 -5.48 -8.28
N PRO A 34 8.53 -6.53 -8.56
CA PRO A 34 9.90 -6.64 -8.05
C PRO A 34 10.90 -5.59 -8.59
N GLU A 35 10.59 -4.95 -9.73
CA GLU A 35 11.46 -3.97 -10.40
C GLU A 35 11.54 -2.58 -9.73
N VAL A 36 10.79 -2.38 -8.65
CA VAL A 36 10.63 -1.11 -7.93
C VAL A 36 10.74 -1.30 -6.40
N SER A 37 11.31 -0.30 -5.71
CA SER A 37 11.55 -0.27 -4.26
C SER A 37 11.49 1.15 -3.67
N GLY A 1 -17.80 22.40 5.27
CA GLY A 1 -16.99 21.40 4.53
C GLY A 1 -16.15 20.55 5.46
N SER A 2 -15.11 19.90 4.92
CA SER A 2 -14.16 19.05 5.66
C SER A 2 -12.75 19.10 5.02
N SER A 3 -11.73 18.70 5.78
CA SER A 3 -10.30 18.79 5.41
C SER A 3 -9.52 17.52 5.78
N GLY A 4 -8.43 17.25 5.05
CA GLY A 4 -7.58 16.06 5.23
C GLY A 4 -8.12 14.78 4.61
N SER A 5 -7.34 13.69 4.70
CA SER A 5 -7.61 12.40 4.04
C SER A 5 -8.55 11.45 4.82
N SER A 6 -8.86 11.77 6.08
CA SER A 6 -9.72 10.98 6.99
C SER A 6 -9.29 9.51 7.17
N GLY A 7 -7.98 9.22 7.07
CA GLY A 7 -7.41 7.88 7.17
C GLY A 7 -5.88 7.86 7.05
N ARG A 8 -5.27 6.70 7.31
CA ARG A 8 -3.80 6.44 7.30
C ARG A 8 -3.37 5.35 6.29
N SER A 9 -4.28 4.95 5.39
CA SER A 9 -4.08 3.85 4.44
C SER A 9 -3.01 4.14 3.37
N TYR A 10 -2.41 3.07 2.84
CA TYR A 10 -1.38 3.06 1.80
C TYR A 10 -1.99 2.69 0.43
N SER A 11 -1.36 3.10 -0.66
CA SER A 11 -1.79 2.77 -2.04
C SER A 11 -0.59 2.42 -2.94
N CYS A 12 -0.71 1.33 -3.71
CA CYS A 12 0.34 0.81 -4.58
C CYS A 12 0.84 1.86 -5.61
N PRO A 13 2.17 2.07 -5.73
CA PRO A 13 2.73 3.02 -6.70
C PRO A 13 2.62 2.54 -8.16
N VAL A 14 2.23 1.28 -8.41
CA VAL A 14 2.17 0.69 -9.76
C VAL A 14 0.73 0.39 -10.21
N CYS A 15 -0.16 -0.04 -9.32
CA CYS A 15 -1.55 -0.44 -9.65
C CYS A 15 -2.66 0.18 -8.77
N GLU A 16 -2.29 1.05 -7.83
CA GLU A 16 -3.19 1.84 -6.96
C GLU A 16 -4.15 1.01 -6.07
N LYS A 17 -3.81 -0.26 -5.80
CA LYS A 17 -4.48 -1.11 -4.81
C LYS A 17 -4.22 -0.60 -3.38
N SER A 18 -5.27 -0.55 -2.55
CA SER A 18 -5.21 -0.01 -1.18
C SER A 18 -4.80 -1.06 -0.14
N PHE A 19 -4.05 -0.64 0.89
CA PHE A 19 -3.56 -1.48 1.99
C PHE A 19 -3.64 -0.75 3.34
N SER A 20 -3.91 -1.49 4.42
CA SER A 20 -4.09 -0.93 5.77
C SER A 20 -2.77 -0.72 6.54
N GLU A 21 -1.67 -1.36 6.13
CA GLU A 21 -0.38 -1.40 6.82
C GLU A 21 0.81 -1.35 5.84
N ASP A 22 1.92 -0.75 6.28
CA ASP A 22 3.16 -0.62 5.50
C ASP A 22 3.76 -1.98 5.11
N ARG A 23 3.62 -3.00 5.97
CA ARG A 23 4.07 -4.38 5.70
C ARG A 23 3.28 -5.07 4.59
N LEU A 24 2.01 -4.72 4.41
CA LEU A 24 1.11 -5.32 3.41
C LEU A 24 1.31 -4.72 2.02
N ILE A 25 1.57 -3.41 1.92
CA ILE A 25 1.99 -2.81 0.65
C ILE A 25 3.42 -3.26 0.27
N LYS A 26 4.35 -3.40 1.22
CA LYS A 26 5.69 -3.94 0.94
C LYS A 26 5.63 -5.38 0.40
N SER A 27 4.86 -6.27 1.03
CA SER A 27 4.71 -7.64 0.53
C SER A 27 4.01 -7.70 -0.85
N HIS A 28 3.03 -6.82 -1.10
CA HIS A 28 2.42 -6.67 -2.42
C HIS A 28 3.44 -6.23 -3.49
N ILE A 29 4.22 -5.18 -3.22
CA ILE A 29 5.26 -4.70 -4.17
C ILE A 29 6.29 -5.82 -4.43
N LYS A 30 6.73 -6.56 -3.42
CA LYS A 30 7.74 -7.63 -3.61
C LYS A 30 7.21 -8.92 -4.26
N THR A 31 5.90 -9.14 -4.32
CA THR A 31 5.27 -10.28 -5.02
C THR A 31 4.73 -9.94 -6.40
N ASN A 32 4.23 -8.72 -6.61
CA ASN A 32 3.56 -8.29 -7.85
C ASN A 32 4.41 -7.35 -8.72
N HIS A 33 5.32 -6.58 -8.13
CA HIS A 33 6.16 -5.57 -8.80
C HIS A 33 7.65 -5.64 -8.33
N PRO A 34 8.34 -6.81 -8.43
CA PRO A 34 9.63 -7.02 -7.76
C PRO A 34 10.76 -6.04 -8.10
N GLU A 35 10.80 -5.53 -9.33
CA GLU A 35 11.89 -4.69 -9.88
C GLU A 35 11.92 -3.24 -9.35
N VAL A 36 10.93 -2.85 -8.54
CA VAL A 36 10.77 -1.51 -7.94
C VAL A 36 10.60 -1.61 -6.42
N SER A 37 11.20 -0.67 -5.67
CA SER A 37 11.22 -0.64 -4.19
C SER A 37 10.94 0.77 -3.65
N GLY A 1 -14.48 1.20 8.79
CA GLY A 1 -14.33 1.92 10.07
C GLY A 1 -13.24 1.30 10.93
N SER A 2 -12.54 2.13 11.72
CA SER A 2 -11.40 1.74 12.58
C SER A 2 -11.49 2.37 13.98
N SER A 3 -10.88 1.71 14.98
CA SER A 3 -10.84 2.17 16.38
C SER A 3 -9.93 3.39 16.58
N GLY A 4 -10.22 4.19 17.61
CA GLY A 4 -9.45 5.40 17.97
C GLY A 4 -9.72 6.63 17.07
N SER A 5 -9.08 7.74 17.41
CA SER A 5 -9.27 9.05 16.74
C SER A 5 -8.44 9.21 15.45
N SER A 6 -7.35 8.45 15.31
CA SER A 6 -6.37 8.55 14.22
C SER A 6 -6.01 7.19 13.59
N GLY A 7 -5.56 7.21 12.34
CA GLY A 7 -5.14 6.03 11.57
C GLY A 7 -4.48 6.40 10.23
N ARG A 8 -4.03 5.39 9.48
CA ARG A 8 -3.34 5.54 8.18
C ARG A 8 -3.86 4.56 7.12
N SER A 9 -3.67 4.91 5.85
CA SER A 9 -3.89 4.05 4.67
C SER A 9 -2.72 4.18 3.68
N TYR A 10 -2.55 3.16 2.84
CA TYR A 10 -1.47 3.01 1.85
C TYR A 10 -2.06 2.63 0.49
N SER A 11 -1.44 3.05 -0.63
CA SER A 11 -1.82 2.61 -1.98
C SER A 11 -0.63 2.34 -2.90
N CYS A 12 -0.75 1.31 -3.75
CA CYS A 12 0.31 0.80 -4.61
C CYS A 12 0.84 1.87 -5.60
N PRO A 13 2.17 2.06 -5.72
CA PRO A 13 2.77 3.01 -6.66
C PRO A 13 2.70 2.53 -8.13
N VAL A 14 2.33 1.27 -8.40
CA VAL A 14 2.32 0.66 -9.74
C VAL A 14 0.90 0.34 -10.24
N CYS A 15 -0.03 -0.08 -9.36
CA CYS A 15 -1.39 -0.50 -9.74
C CYS A 15 -2.54 0.04 -8.85
N GLU A 16 -2.21 1.00 -7.97
CA GLU A 16 -3.13 1.84 -7.16
C GLU A 16 -4.04 1.11 -6.16
N LYS A 17 -3.85 -0.20 -5.93
CA LYS A 17 -4.60 -0.99 -4.93
C LYS A 17 -4.30 -0.54 -3.49
N SER A 18 -5.32 -0.59 -2.63
CA SER A 18 -5.28 -0.04 -1.27
C SER A 18 -4.95 -1.08 -0.19
N PHE A 19 -4.19 -0.66 0.83
CA PHE A 19 -3.74 -1.47 1.96
C PHE A 19 -3.81 -0.69 3.28
N SER A 20 -3.93 -1.40 4.40
CA SER A 20 -4.08 -0.81 5.76
C SER A 20 -2.78 -0.75 6.57
N GLU A 21 -1.69 -1.38 6.11
CA GLU A 21 -0.40 -1.42 6.81
C GLU A 21 0.80 -1.33 5.84
N ASP A 22 1.92 -0.79 6.34
CA ASP A 22 3.21 -0.73 5.64
C ASP A 22 3.73 -2.12 5.22
N ARG A 23 3.55 -3.13 6.07
CA ARG A 23 3.91 -4.53 5.80
C ARG A 23 3.08 -5.16 4.67
N LEU A 24 1.81 -4.77 4.53
CA LEU A 24 0.90 -5.31 3.51
C LEU A 24 1.21 -4.75 2.12
N ILE A 25 1.44 -3.43 2.01
CA ILE A 25 1.87 -2.84 0.74
C ILE A 25 3.29 -3.29 0.34
N LYS A 26 4.22 -3.44 1.28
CA LYS A 26 5.56 -4.00 0.98
C LYS A 26 5.49 -5.44 0.50
N SER A 27 4.67 -6.28 1.14
CA SER A 27 4.41 -7.65 0.67
C SER A 27 3.85 -7.67 -0.77
N HIS A 28 2.88 -6.79 -1.07
CA HIS A 28 2.33 -6.63 -2.42
C HIS A 28 3.37 -6.20 -3.44
N ILE A 29 4.16 -5.17 -3.15
CA ILE A 29 5.24 -4.67 -4.03
C ILE A 29 6.29 -5.75 -4.28
N LYS A 30 6.70 -6.52 -3.26
CA LYS A 30 7.76 -7.53 -3.38
C LYS A 30 7.34 -8.78 -4.15
N THR A 31 6.04 -9.09 -4.22
CA THR A 31 5.53 -10.28 -4.92
C THR A 31 4.88 -9.99 -6.29
N ASN A 32 4.53 -8.73 -6.58
CA ASN A 32 3.94 -8.31 -7.87
C ASN A 32 4.82 -7.33 -8.68
N HIS A 33 5.65 -6.52 -8.03
CA HIS A 33 6.37 -5.39 -8.63
C HIS A 33 7.89 -5.29 -8.31
N PRO A 34 8.63 -6.37 -7.98
CA PRO A 34 10.01 -6.26 -7.46
C PRO A 34 11.04 -5.70 -8.45
N GLU A 35 10.77 -5.80 -9.75
CA GLU A 35 11.56 -5.22 -10.85
C GLU A 35 10.90 -3.99 -11.50
N VAL A 36 9.81 -3.47 -10.90
CA VAL A 36 8.91 -2.46 -11.48
C VAL A 36 8.81 -1.19 -10.62
N SER A 37 8.98 -1.32 -9.29
CA SER A 37 8.99 -0.20 -8.32
C SER A 37 10.19 0.74 -8.44
N GLY A 1 -9.95 16.95 5.36
CA GLY A 1 -9.66 15.53 5.67
C GLY A 1 -10.85 14.84 6.33
N SER A 2 -10.59 13.75 7.05
CA SER A 2 -11.59 12.96 7.80
C SER A 2 -10.99 12.33 9.07
N SER A 3 -11.83 11.99 10.04
CA SER A 3 -11.43 11.44 11.35
C SER A 3 -10.88 10.01 11.26
N GLY A 4 -9.94 9.67 12.15
CA GLY A 4 -9.34 8.33 12.27
C GLY A 4 -8.27 8.25 13.37
N SER A 5 -7.92 7.03 13.80
CA SER A 5 -6.91 6.76 14.83
C SER A 5 -6.29 5.36 14.65
N SER A 6 -5.04 5.18 15.12
CA SER A 6 -4.21 3.97 15.06
C SER A 6 -3.85 3.46 13.65
N GLY A 7 -4.85 3.14 12.82
CA GLY A 7 -4.68 2.69 11.44
C GLY A 7 -4.31 3.81 10.45
N ARG A 8 -3.79 3.41 9.28
CA ARG A 8 -3.42 4.30 8.16
C ARG A 8 -3.71 3.63 6.81
N SER A 9 -4.10 4.41 5.81
CA SER A 9 -4.33 3.94 4.43
C SER A 9 -3.06 4.08 3.57
N TYR A 10 -2.77 3.06 2.78
CA TYR A 10 -1.64 2.98 1.84
C TYR A 10 -2.15 2.60 0.43
N SER A 11 -1.49 3.06 -0.63
CA SER A 11 -1.87 2.76 -2.03
C SER A 11 -0.64 2.44 -2.90
N CYS A 12 -0.72 1.37 -3.69
CA CYS A 12 0.36 0.88 -4.55
C CYS A 12 0.89 1.96 -5.53
N PRO A 13 2.20 2.20 -5.59
CA PRO A 13 2.79 3.16 -6.53
C PRO A 13 2.79 2.69 -7.98
N VAL A 14 2.43 1.42 -8.25
CA VAL A 14 2.46 0.80 -9.60
C VAL A 14 1.06 0.51 -10.15
N CYS A 15 0.11 0.09 -9.30
CA CYS A 15 -1.25 -0.33 -9.71
C CYS A 15 -2.42 0.17 -8.85
N GLU A 16 -2.13 1.07 -7.91
CA GLU A 16 -3.09 1.85 -7.08
C GLU A 16 -4.08 1.02 -6.23
N LYS A 17 -3.75 -0.24 -5.93
CA LYS A 17 -4.47 -1.09 -4.95
C LYS A 17 -4.21 -0.62 -3.52
N SER A 18 -5.24 -0.68 -2.69
CA SER A 18 -5.24 -0.15 -1.31
C SER A 18 -4.91 -1.20 -0.23
N PHE A 19 -4.20 -0.76 0.81
CA PHE A 19 -3.74 -1.58 1.94
C PHE A 19 -3.85 -0.81 3.28
N SER A 20 -3.90 -1.55 4.40
CA SER A 20 -4.13 -1.01 5.75
C SER A 20 -2.88 -0.98 6.65
N GLU A 21 -1.75 -1.49 6.17
CA GLU A 21 -0.47 -1.54 6.90
C GLU A 21 0.73 -1.37 5.95
N ASP A 22 1.83 -0.82 6.46
CA ASP A 22 3.07 -0.63 5.70
C ASP A 22 3.70 -1.97 5.25
N ARG A 23 3.59 -3.02 6.09
CA ARG A 23 4.04 -4.38 5.76
C ARG A 23 3.20 -5.06 4.66
N LEU A 24 1.91 -4.72 4.54
CA LEU A 24 1.04 -5.28 3.51
C LEU A 24 1.35 -4.68 2.12
N ILE A 25 1.54 -3.36 2.03
CA ILE A 25 1.95 -2.73 0.77
C ILE A 25 3.40 -3.14 0.38
N LYS A 26 4.34 -3.25 1.33
CA LYS A 26 5.68 -3.78 1.04
C LYS A 26 5.64 -5.22 0.53
N SER A 27 4.81 -6.07 1.13
CA SER A 27 4.60 -7.45 0.65
C SER A 27 4.01 -7.47 -0.76
N HIS A 28 3.05 -6.60 -1.07
CA HIS A 28 2.47 -6.46 -2.42
C HIS A 28 3.51 -6.00 -3.45
N ILE A 29 4.28 -4.96 -3.14
CA ILE A 29 5.35 -4.44 -4.02
C ILE A 29 6.38 -5.56 -4.32
N LYS A 30 6.79 -6.32 -3.30
CA LYS A 30 7.80 -7.39 -3.46
C LYS A 30 7.31 -8.61 -4.25
N THR A 31 6.02 -8.96 -4.16
CA THR A 31 5.42 -10.12 -4.82
C THR A 31 4.89 -9.84 -6.23
N ASN A 32 4.31 -8.66 -6.44
CA ASN A 32 3.63 -8.28 -7.70
C ASN A 32 4.48 -7.37 -8.59
N HIS A 33 5.43 -6.62 -8.03
CA HIS A 33 6.26 -5.63 -8.73
C HIS A 33 7.78 -5.79 -8.42
N PRO A 34 8.35 -7.02 -8.50
CA PRO A 34 9.73 -7.29 -8.09
C PRO A 34 10.82 -6.54 -8.86
N GLU A 35 10.58 -6.21 -10.14
CA GLU A 35 11.49 -5.40 -10.97
C GLU A 35 11.37 -3.88 -10.70
N VAL A 36 10.50 -3.49 -9.77
CA VAL A 36 10.14 -2.12 -9.37
C VAL A 36 10.41 -1.86 -7.88
N SER A 37 10.83 -2.89 -7.13
CA SER A 37 11.13 -2.87 -5.69
C SER A 37 12.41 -2.10 -5.35
N GLY A 1 -17.34 12.48 8.67
CA GLY A 1 -15.93 12.17 9.02
C GLY A 1 -15.83 11.35 10.30
N SER A 2 -14.73 10.61 10.45
CA SER A 2 -14.46 9.76 11.62
C SER A 2 -14.13 10.55 12.89
N SER A 3 -14.49 10.01 14.06
CA SER A 3 -14.26 10.60 15.39
C SER A 3 -13.78 9.56 16.40
N GLY A 4 -12.95 9.97 17.36
CA GLY A 4 -12.44 9.13 18.47
C GLY A 4 -11.36 8.10 18.11
N SER A 5 -11.03 7.95 16.82
CA SER A 5 -10.04 6.99 16.28
C SER A 5 -9.22 7.60 15.13
N SER A 6 -7.97 7.15 14.99
CA SER A 6 -7.01 7.61 13.98
C SER A 6 -6.23 6.44 13.34
N GLY A 7 -5.74 6.63 12.11
CA GLY A 7 -4.96 5.63 11.37
C GLY A 7 -4.53 6.12 9.98
N ARG A 8 -3.84 5.24 9.23
CA ARG A 8 -3.34 5.49 7.86
C ARG A 8 -3.47 4.23 6.97
N SER A 9 -3.72 4.45 5.68
CA SER A 9 -3.69 3.43 4.63
C SER A 9 -2.75 3.86 3.48
N TYR A 10 -2.27 2.89 2.72
CA TYR A 10 -1.21 3.04 1.71
C TYR A 10 -1.67 2.47 0.36
N SER A 11 -1.44 3.17 -0.75
CA SER A 11 -1.86 2.75 -2.11
C SER A 11 -0.67 2.47 -3.03
N CYS A 12 -0.80 1.43 -3.86
CA CYS A 12 0.24 0.93 -4.75
C CYS A 12 0.73 2.00 -5.74
N PRO A 13 2.05 2.24 -5.87
CA PRO A 13 2.62 3.19 -6.83
C PRO A 13 2.56 2.69 -8.29
N VAL A 14 2.19 1.42 -8.53
CA VAL A 14 2.16 0.80 -9.86
C VAL A 14 0.73 0.45 -10.32
N CYS A 15 -0.14 -0.03 -9.41
CA CYS A 15 -1.47 -0.56 -9.73
C CYS A 15 -2.63 -0.13 -8.81
N GLU A 16 -2.41 0.96 -8.09
CA GLU A 16 -3.36 1.78 -7.29
C GLU A 16 -4.14 1.11 -6.14
N LYS A 17 -4.06 -0.21 -5.95
CA LYS A 17 -4.74 -0.95 -4.86
C LYS A 17 -4.27 -0.51 -3.47
N SER A 18 -5.18 -0.53 -2.49
CA SER A 18 -4.96 0.01 -1.14
C SER A 18 -4.80 -1.06 -0.06
N PHE A 19 -3.97 -0.76 0.95
CA PHE A 19 -3.55 -1.64 2.04
C PHE A 19 -3.55 -0.90 3.39
N SER A 20 -3.89 -1.59 4.48
CA SER A 20 -4.09 -0.98 5.81
C SER A 20 -2.82 -0.87 6.67
N GLU A 21 -1.70 -1.47 6.24
CA GLU A 21 -0.40 -1.44 6.93
C GLU A 21 0.78 -1.35 5.95
N ASP A 22 1.89 -0.77 6.39
CA ASP A 22 3.10 -0.61 5.56
C ASP A 22 3.73 -1.96 5.14
N ARG A 23 3.64 -2.99 6.00
CA ARG A 23 4.08 -4.36 5.68
C ARG A 23 3.24 -5.04 4.59
N LEU A 24 1.95 -4.69 4.48
CA LEU A 24 1.04 -5.27 3.50
C LEU A 24 1.28 -4.70 2.09
N ILE A 25 1.50 -3.38 1.97
CA ILE A 25 1.90 -2.79 0.68
C ILE A 25 3.31 -3.22 0.27
N LYS A 26 4.28 -3.32 1.20
CA LYS A 26 5.62 -3.85 0.88
C LYS A 26 5.58 -5.32 0.43
N SER A 27 4.75 -6.15 1.07
CA SER A 27 4.49 -7.53 0.62
C SER A 27 3.88 -7.56 -0.79
N HIS A 28 2.90 -6.70 -1.09
CA HIS A 28 2.31 -6.56 -2.43
C HIS A 28 3.35 -6.15 -3.48
N ILE A 29 4.16 -5.12 -3.20
CA ILE A 29 5.23 -4.64 -4.09
C ILE A 29 6.26 -5.75 -4.35
N LYS A 30 6.65 -6.53 -3.34
CA LYS A 30 7.65 -7.59 -3.46
C LYS A 30 7.14 -8.85 -4.18
N THR A 31 5.83 -9.07 -4.25
CA THR A 31 5.19 -10.20 -4.93
C THR A 31 4.67 -9.86 -6.35
N ASN A 32 4.30 -8.60 -6.61
CA ASN A 32 3.69 -8.17 -7.88
C ASN A 32 4.61 -7.26 -8.73
N HIS A 33 5.50 -6.49 -8.09
CA HIS A 33 6.36 -5.48 -8.73
C HIS A 33 7.84 -5.57 -8.27
N PRO A 34 8.45 -6.77 -8.16
CA PRO A 34 9.76 -6.97 -7.53
C PRO A 34 10.94 -6.21 -8.17
N GLU A 35 10.80 -5.78 -9.43
CA GLU A 35 11.80 -4.96 -10.14
C GLU A 35 12.10 -3.60 -9.48
N VAL A 36 11.23 -3.10 -8.59
CA VAL A 36 11.43 -1.84 -7.83
C VAL A 36 12.10 -2.06 -6.45
N SER A 37 12.25 -3.31 -6.00
CA SER A 37 12.82 -3.68 -4.70
C SER A 37 14.35 -3.55 -4.67
N GLY A 1 -19.71 11.54 2.45
CA GLY A 1 -18.58 11.74 1.52
C GLY A 1 -17.62 10.55 1.52
N SER A 2 -16.39 10.76 1.05
CA SER A 2 -15.34 9.73 0.95
C SER A 2 -14.85 9.22 2.32
N SER A 3 -14.40 7.97 2.38
CA SER A 3 -13.81 7.33 3.56
C SER A 3 -12.36 7.77 3.83
N GLY A 4 -11.87 7.55 5.05
CA GLY A 4 -10.51 7.88 5.50
C GLY A 4 -10.23 7.45 6.95
N SER A 5 -9.00 7.70 7.41
CA SER A 5 -8.54 7.37 8.78
C SER A 5 -7.47 8.35 9.26
N SER A 6 -7.48 8.68 10.55
CA SER A 6 -6.40 9.42 11.23
C SER A 6 -5.10 8.62 11.35
N GLY A 7 -5.18 7.28 11.30
CA GLY A 7 -4.03 6.37 11.20
C GLY A 7 -3.48 6.22 9.77
N ARG A 8 -4.20 6.75 8.76
CA ARG A 8 -3.95 6.67 7.30
C ARG A 8 -3.92 5.25 6.70
N SER A 9 -4.03 5.20 5.37
CA SER A 9 -3.94 4.00 4.54
C SER A 9 -2.91 4.19 3.42
N TYR A 10 -2.43 3.09 2.83
CA TYR A 10 -1.40 3.05 1.79
C TYR A 10 -1.99 2.61 0.44
N SER A 11 -1.40 3.04 -0.67
CA SER A 11 -1.80 2.62 -2.03
C SER A 11 -0.61 2.33 -2.95
N CYS A 12 -0.73 1.27 -3.76
CA CYS A 12 0.32 0.75 -4.64
C CYS A 12 0.89 1.82 -5.60
N PRO A 13 2.23 1.97 -5.71
CA PRO A 13 2.85 2.92 -6.63
C PRO A 13 2.74 2.50 -8.11
N VAL A 14 2.29 1.27 -8.42
CA VAL A 14 2.21 0.73 -9.79
C VAL A 14 0.77 0.47 -10.25
N CYS A 15 -0.12 -0.02 -9.37
CA CYS A 15 -1.49 -0.44 -9.71
C CYS A 15 -2.60 0.09 -8.79
N GLU A 16 -2.25 1.03 -7.91
CA GLU A 16 -3.13 1.86 -7.05
C GLU A 16 -4.03 1.12 -6.03
N LYS A 17 -3.87 -0.22 -5.87
CA LYS A 17 -4.59 -1.02 -4.86
C LYS A 17 -4.26 -0.58 -3.44
N SER A 18 -5.27 -0.60 -2.56
CA SER A 18 -5.20 -0.06 -1.19
C SER A 18 -4.86 -1.12 -0.12
N PHE A 19 -4.13 -0.68 0.91
CA PHE A 19 -3.62 -1.51 2.01
C PHE A 19 -3.67 -0.78 3.36
N SER A 20 -3.95 -1.51 4.44
CA SER A 20 -4.15 -0.94 5.79
C SER A 20 -2.85 -0.71 6.57
N GLU A 21 -1.76 -1.37 6.20
CA GLU A 21 -0.47 -1.36 6.92
C GLU A 21 0.73 -1.38 5.95
N ASP A 22 1.88 -0.85 6.38
CA ASP A 22 3.11 -0.81 5.59
C ASP A 22 3.59 -2.21 5.18
N ARG A 23 3.51 -3.20 6.08
CA ARG A 23 3.88 -4.60 5.78
C ARG A 23 3.06 -5.22 4.65
N LEU A 24 1.80 -4.81 4.47
CA LEU A 24 0.89 -5.34 3.46
C LEU A 24 1.22 -4.76 2.07
N ILE A 25 1.45 -3.44 1.96
CA ILE A 25 1.90 -2.84 0.70
C ILE A 25 3.33 -3.26 0.33
N LYS A 26 4.26 -3.38 1.29
CA LYS A 26 5.62 -3.88 1.02
C LYS A 26 5.59 -5.33 0.52
N SER A 27 4.75 -6.19 1.12
CA SER A 27 4.52 -7.56 0.62
C SER A 27 3.98 -7.55 -0.82
N HIS A 28 3.00 -6.69 -1.13
CA HIS A 28 2.47 -6.53 -2.49
C HIS A 28 3.54 -6.06 -3.49
N ILE A 29 4.35 -5.06 -3.14
CA ILE A 29 5.46 -4.57 -3.99
C ILE A 29 6.46 -5.70 -4.26
N LYS A 30 6.85 -6.50 -3.26
CA LYS A 30 7.83 -7.60 -3.44
C LYS A 30 7.29 -8.80 -4.21
N THR A 31 5.99 -9.07 -4.16
CA THR A 31 5.35 -10.21 -4.85
C THR A 31 4.86 -9.89 -6.27
N ASN A 32 4.37 -8.67 -6.51
CA ASN A 32 3.74 -8.26 -7.78
C ASN A 32 4.60 -7.30 -8.61
N HIS A 33 5.48 -6.52 -7.98
CA HIS A 33 6.27 -5.46 -8.64
C HIS A 33 7.78 -5.47 -8.24
N PRO A 34 8.48 -6.63 -8.21
CA PRO A 34 9.85 -6.68 -7.73
C PRO A 34 10.88 -5.96 -8.63
N GLU A 35 10.59 -5.78 -9.92
CA GLU A 35 11.50 -5.15 -10.89
C GLU A 35 11.74 -3.64 -10.65
N VAL A 36 10.95 -3.03 -9.76
CA VAL A 36 11.02 -1.62 -9.32
C VAL A 36 11.33 -1.46 -7.82
N SER A 37 11.34 -2.58 -7.06
CA SER A 37 11.55 -2.62 -5.60
C SER A 37 12.98 -2.31 -5.15
N GLY A 1 -10.20 7.85 5.07
CA GLY A 1 -10.89 9.07 4.60
C GLY A 1 -11.59 8.84 3.27
N SER A 2 -12.61 9.66 2.96
CA SER A 2 -13.43 9.67 1.73
C SER A 2 -14.17 8.37 1.41
N SER A 3 -13.46 7.32 0.98
CA SER A 3 -14.03 6.00 0.63
C SER A 3 -14.33 5.11 1.84
N GLY A 4 -13.83 5.48 3.02
CA GLY A 4 -14.04 4.79 4.29
C GLY A 4 -13.55 5.60 5.50
N SER A 5 -13.97 5.20 6.71
CA SER A 5 -13.71 5.93 7.96
C SER A 5 -12.29 5.74 8.55
N SER A 6 -11.49 4.84 7.99
CA SER A 6 -10.13 4.52 8.45
C SER A 6 -9.18 5.73 8.39
N GLY A 7 -8.39 5.94 9.47
CA GLY A 7 -7.43 7.03 9.59
C GLY A 7 -6.03 6.76 9.02
N ARG A 8 -5.76 5.51 8.57
CA ARG A 8 -4.47 5.03 8.07
C ARG A 8 -4.66 4.14 6.84
N SER A 9 -4.08 4.57 5.71
CA SER A 9 -4.16 3.88 4.41
C SER A 9 -2.85 4.02 3.61
N TYR A 10 -2.56 3.01 2.77
CA TYR A 10 -1.42 2.97 1.84
C TYR A 10 -1.92 2.53 0.45
N SER A 11 -1.30 3.02 -0.63
CA SER A 11 -1.71 2.71 -2.02
C SER A 11 -0.51 2.41 -2.93
N CYS A 12 -0.63 1.34 -3.73
CA CYS A 12 0.42 0.84 -4.62
C CYS A 12 0.92 1.91 -5.63
N PRO A 13 2.24 2.09 -5.81
CA PRO A 13 2.79 3.02 -6.79
C PRO A 13 2.64 2.53 -8.25
N VAL A 14 2.25 1.27 -8.47
CA VAL A 14 2.15 0.65 -9.81
C VAL A 14 0.70 0.39 -10.24
N CYS A 15 -0.17 -0.09 -9.32
CA CYS A 15 -1.55 -0.48 -9.63
C CYS A 15 -2.65 0.21 -8.78
N GLU A 16 -2.25 1.20 -7.97
CA GLU A 16 -3.11 2.05 -7.10
C GLU A 16 -3.96 1.27 -6.06
N LYS A 17 -3.68 -0.02 -5.88
CA LYS A 17 -4.34 -0.96 -4.97
C LYS A 17 -4.09 -0.59 -3.50
N SER A 18 -5.13 -0.64 -2.67
CA SER A 18 -5.09 -0.11 -1.30
C SER A 18 -4.83 -1.18 -0.22
N PHE A 19 -4.11 -0.78 0.84
CA PHE A 19 -3.66 -1.61 1.95
C PHE A 19 -3.73 -0.86 3.30
N SER A 20 -3.87 -1.60 4.40
CA SER A 20 -4.06 -1.03 5.75
C SER A 20 -2.75 -0.72 6.49
N GLU A 21 -1.64 -1.36 6.13
CA GLU A 21 -0.33 -1.22 6.80
C GLU A 21 0.85 -1.24 5.82
N ASP A 22 1.98 -0.63 6.23
CA ASP A 22 3.24 -0.58 5.48
C ASP A 22 3.76 -1.99 5.12
N ARG A 23 3.65 -2.95 6.04
CA ARG A 23 4.05 -4.35 5.80
C ARG A 23 3.19 -5.05 4.73
N LEU A 24 1.92 -4.66 4.58
CA LEU A 24 1.00 -5.26 3.62
C LEU A 24 1.25 -4.73 2.20
N ILE A 25 1.45 -3.41 2.05
CA ILE A 25 1.85 -2.84 0.75
C ILE A 25 3.26 -3.28 0.34
N LYS A 26 4.23 -3.36 1.25
CA LYS A 26 5.58 -3.88 0.91
C LYS A 26 5.53 -5.36 0.51
N SER A 27 4.72 -6.19 1.18
CA SER A 27 4.49 -7.58 0.76
C SER A 27 3.87 -7.66 -0.65
N HIS A 28 2.92 -6.78 -0.98
CA HIS A 28 2.35 -6.68 -2.33
C HIS A 28 3.38 -6.29 -3.38
N ILE A 29 4.13 -5.20 -3.17
CA ILE A 29 5.13 -4.71 -4.13
C ILE A 29 6.22 -5.79 -4.35
N LYS A 30 6.66 -6.48 -3.29
CA LYS A 30 7.68 -7.55 -3.38
C LYS A 30 7.23 -8.76 -4.20
N THR A 31 5.94 -9.12 -4.16
CA THR A 31 5.37 -10.29 -4.84
C THR A 31 4.81 -9.99 -6.24
N ASN A 32 4.33 -8.77 -6.49
CA ASN A 32 3.65 -8.38 -7.73
C ASN A 32 4.49 -7.48 -8.65
N HIS A 33 5.45 -6.73 -8.10
CA HIS A 33 6.23 -5.71 -8.82
C HIS A 33 7.75 -5.83 -8.51
N PRO A 34 8.44 -6.91 -8.95
CA PRO A 34 9.80 -7.24 -8.52
C PRO A 34 10.89 -6.18 -8.73
N GLU A 35 10.74 -5.31 -9.74
CA GLU A 35 11.69 -4.22 -10.03
C GLU A 35 11.54 -3.00 -9.09
N VAL A 36 10.55 -3.02 -8.19
CA VAL A 36 10.12 -1.89 -7.35
C VAL A 36 10.43 -2.12 -5.85
N SER A 37 10.55 -3.38 -5.42
CA SER A 37 11.05 -3.80 -4.09
C SER A 37 11.74 -5.16 -4.13
N GLY A 1 -12.67 9.31 5.48
CA GLY A 1 -11.70 9.63 6.55
C GLY A 1 -12.01 10.98 7.19
N SER A 2 -11.74 11.12 8.49
CA SER A 2 -12.09 12.31 9.29
C SER A 2 -11.24 13.56 8.99
N SER A 3 -10.04 13.39 8.44
CA SER A 3 -9.12 14.46 8.03
C SER A 3 -8.22 14.06 6.85
N GLY A 4 -7.77 15.06 6.07
CA GLY A 4 -6.85 14.87 4.94
C GLY A 4 -5.39 14.65 5.38
N SER A 5 -4.60 14.03 4.50
CA SER A 5 -3.15 13.78 4.69
C SER A 5 -2.79 13.07 6.00
N SER A 6 -3.64 12.13 6.44
CA SER A 6 -3.55 11.43 7.72
C SER A 6 -4.02 9.96 7.62
N GLY A 7 -3.85 9.20 8.70
CA GLY A 7 -4.23 7.77 8.80
C GLY A 7 -3.12 6.79 8.41
N ARG A 8 -3.45 5.49 8.52
CA ARG A 8 -2.53 4.33 8.38
C ARG A 8 -2.68 3.57 7.04
N SER A 9 -3.50 4.07 6.11
CA SER A 9 -3.69 3.47 4.79
C SER A 9 -2.59 3.86 3.79
N TYR A 10 -2.24 2.95 2.88
CA TYR A 10 -1.24 3.12 1.81
C TYR A 10 -1.78 2.57 0.48
N SER A 11 -1.30 3.07 -0.66
CA SER A 11 -1.77 2.65 -2.01
C SER A 11 -0.62 2.41 -2.99
N CYS A 12 -0.74 1.37 -3.82
CA CYS A 12 0.28 0.87 -4.73
C CYS A 12 0.77 1.96 -5.72
N PRO A 13 2.10 2.19 -5.85
CA PRO A 13 2.66 3.12 -6.81
C PRO A 13 2.62 2.62 -8.27
N VAL A 14 2.26 1.35 -8.50
CA VAL A 14 2.25 0.70 -9.83
C VAL A 14 0.83 0.36 -10.31
N CYS A 15 -0.07 -0.07 -9.42
CA CYS A 15 -1.41 -0.57 -9.77
C CYS A 15 -2.57 -0.12 -8.86
N GLU A 16 -2.34 0.97 -8.14
CA GLU A 16 -3.28 1.80 -7.35
C GLU A 16 -4.10 1.15 -6.21
N LYS A 17 -4.03 -0.17 -6.02
CA LYS A 17 -4.73 -0.91 -4.95
C LYS A 17 -4.27 -0.47 -3.55
N SER A 18 -5.21 -0.43 -2.59
CA SER A 18 -4.99 0.07 -1.23
C SER A 18 -4.80 -1.04 -0.19
N PHE A 19 -4.03 -0.73 0.86
CA PHE A 19 -3.60 -1.63 1.93
C PHE A 19 -3.63 -0.91 3.29
N SER A 20 -3.92 -1.65 4.36
CA SER A 20 -4.21 -1.09 5.69
C SER A 20 -2.99 -0.88 6.61
N GLU A 21 -1.81 -1.40 6.26
CA GLU A 21 -0.52 -1.19 6.97
C GLU A 21 0.67 -1.27 6.00
N ASP A 22 1.83 -0.70 6.38
CA ASP A 22 2.99 -0.56 5.48
C ASP A 22 3.64 -1.90 5.08
N ARG A 23 3.64 -2.90 5.96
CA ARG A 23 4.14 -4.24 5.63
C ARG A 23 3.28 -4.97 4.60
N LEU A 24 1.99 -4.62 4.49
CA LEU A 24 1.06 -5.24 3.54
C LEU A 24 1.28 -4.70 2.11
N ILE A 25 1.47 -3.38 1.94
CA ILE A 25 1.87 -2.82 0.64
C ILE A 25 3.30 -3.24 0.26
N LYS A 26 4.24 -3.32 1.19
CA LYS A 26 5.60 -3.84 0.90
C LYS A 26 5.56 -5.31 0.46
N SER A 27 4.71 -6.14 1.08
CA SER A 27 4.48 -7.53 0.63
C SER A 27 3.87 -7.58 -0.78
N HIS A 28 2.91 -6.71 -1.09
CA HIS A 28 2.33 -6.59 -2.44
C HIS A 28 3.37 -6.17 -3.49
N ILE A 29 4.19 -5.16 -3.19
CA ILE A 29 5.29 -4.70 -4.07
C ILE A 29 6.30 -5.83 -4.30
N LYS A 30 6.67 -6.59 -3.26
CA LYS A 30 7.64 -7.71 -3.38
C LYS A 30 7.12 -8.90 -4.18
N THR A 31 5.80 -9.16 -4.16
CA THR A 31 5.17 -10.29 -4.86
C THR A 31 4.66 -9.96 -6.27
N ASN A 32 4.34 -8.70 -6.56
CA ASN A 32 3.76 -8.26 -7.84
C ASN A 32 4.67 -7.35 -8.68
N HIS A 33 5.55 -6.57 -8.03
CA HIS A 33 6.35 -5.52 -8.67
C HIS A 33 7.85 -5.51 -8.24
N PRO A 34 8.54 -6.66 -8.01
CA PRO A 34 9.89 -6.65 -7.43
C PRO A 34 10.96 -5.92 -8.27
N GLU A 35 10.72 -5.73 -9.57
CA GLU A 35 11.56 -4.94 -10.48
C GLU A 35 11.57 -3.42 -10.19
N VAL A 36 10.63 -2.91 -9.37
CA VAL A 36 10.54 -1.48 -9.01
C VAL A 36 11.49 -1.08 -7.87
N SER A 37 12.06 -2.05 -7.15
CA SER A 37 12.99 -1.86 -6.02
C SER A 37 14.41 -1.51 -6.46
N GLY A 1 -12.76 12.01 10.61
CA GLY A 1 -13.80 12.86 9.97
C GLY A 1 -13.30 13.49 8.69
N SER A 2 -14.14 14.29 8.03
CA SER A 2 -13.84 14.91 6.72
C SER A 2 -12.67 15.92 6.76
N SER A 3 -12.43 16.54 7.92
CA SER A 3 -11.38 17.56 8.12
C SER A 3 -10.03 16.99 8.64
N GLY A 4 -9.98 15.72 9.02
CA GLY A 4 -8.77 15.07 9.55
C GLY A 4 -9.03 13.72 10.25
N SER A 5 -7.97 12.93 10.42
CA SER A 5 -7.99 11.59 11.01
C SER A 5 -6.66 11.25 11.72
N SER A 6 -6.69 10.27 12.63
CA SER A 6 -5.52 9.75 13.36
C SER A 6 -4.89 8.51 12.71
N GLY A 7 -5.68 7.66 12.04
CA GLY A 7 -5.21 6.51 11.26
C GLY A 7 -4.67 6.88 9.88
N ARG A 8 -3.87 6.00 9.26
CA ARG A 8 -3.33 6.16 7.89
C ARG A 8 -3.42 4.86 7.09
N SER A 9 -3.57 4.98 5.78
CA SER A 9 -3.60 3.89 4.80
C SER A 9 -2.60 4.13 3.65
N TYR A 10 -2.38 3.10 2.82
CA TYR A 10 -1.36 3.06 1.77
C TYR A 10 -1.97 2.59 0.44
N SER A 11 -1.43 3.05 -0.70
CA SER A 11 -1.86 2.61 -2.04
C SER A 11 -0.68 2.36 -2.97
N CYS A 12 -0.76 1.28 -3.77
CA CYS A 12 0.29 0.80 -4.66
C CYS A 12 0.77 1.89 -5.64
N PRO A 13 2.10 2.13 -5.76
CA PRO A 13 2.66 3.10 -6.72
C PRO A 13 2.61 2.61 -8.18
N VAL A 14 2.24 1.34 -8.43
CA VAL A 14 2.26 0.72 -9.77
C VAL A 14 0.84 0.39 -10.28
N CYS A 15 -0.08 -0.05 -9.40
CA CYS A 15 -1.43 -0.50 -9.78
C CYS A 15 -2.59 -0.01 -8.89
N GLU A 16 -2.30 0.97 -8.02
CA GLU A 16 -3.23 1.78 -7.21
C GLU A 16 -4.12 1.02 -6.19
N LYS A 17 -3.86 -0.27 -5.94
CA LYS A 17 -4.57 -1.08 -4.92
C LYS A 17 -4.22 -0.63 -3.50
N SER A 18 -5.22 -0.62 -2.62
CA SER A 18 -5.12 -0.05 -1.26
C SER A 18 -4.86 -1.10 -0.17
N PHE A 19 -4.12 -0.71 0.87
CA PHE A 19 -3.67 -1.52 2.00
C PHE A 19 -3.76 -0.73 3.32
N SER A 20 -4.03 -1.44 4.43
CA SER A 20 -4.22 -0.84 5.76
C SER A 20 -2.93 -0.66 6.57
N GLU A 21 -1.86 -1.39 6.25
CA GLU A 21 -0.59 -1.41 7.01
C GLU A 21 0.65 -1.47 6.09
N ASP A 22 1.76 -0.91 6.57
CA ASP A 22 3.01 -0.70 5.80
C ASP A 22 3.65 -2.01 5.30
N ARG A 23 3.59 -3.09 6.10
CA ARG A 23 4.09 -4.42 5.69
C ARG A 23 3.27 -5.06 4.57
N LEU A 24 1.98 -4.72 4.45
CA LEU A 24 1.06 -5.32 3.47
C LEU A 24 1.30 -4.75 2.08
N ILE A 25 1.47 -3.43 1.95
CA ILE A 25 1.89 -2.82 0.67
C ILE A 25 3.30 -3.25 0.27
N LYS A 26 4.25 -3.34 1.21
CA LYS A 26 5.61 -3.85 0.92
C LYS A 26 5.61 -5.30 0.47
N SER A 27 4.76 -6.15 1.05
CA SER A 27 4.53 -7.53 0.59
C SER A 27 3.97 -7.57 -0.83
N HIS A 28 2.98 -6.71 -1.15
CA HIS A 28 2.43 -6.59 -2.50
C HIS A 28 3.48 -6.14 -3.53
N ILE A 29 4.28 -5.13 -3.20
CA ILE A 29 5.38 -4.65 -4.05
C ILE A 29 6.39 -5.79 -4.30
N LYS A 30 6.74 -6.58 -3.27
CA LYS A 30 7.67 -7.71 -3.37
C LYS A 30 7.14 -8.86 -4.24
N THR A 31 5.84 -9.17 -4.21
CA THR A 31 5.24 -10.28 -4.97
C THR A 31 4.80 -9.92 -6.39
N ASN A 32 4.33 -8.68 -6.61
CA ASN A 32 3.75 -8.24 -7.88
C ASN A 32 4.66 -7.30 -8.69
N HIS A 33 5.54 -6.53 -8.02
CA HIS A 33 6.34 -5.46 -8.63
C HIS A 33 7.85 -5.49 -8.23
N PRO A 34 8.52 -6.67 -8.19
CA PRO A 34 9.88 -6.79 -7.63
C PRO A 34 10.97 -6.01 -8.37
N GLU A 35 10.79 -5.77 -9.68
CA GLU A 35 11.69 -4.97 -10.52
C GLU A 35 11.43 -3.45 -10.44
N VAL A 36 10.49 -3.02 -9.60
CA VAL A 36 9.95 -1.65 -9.51
C VAL A 36 10.18 -1.03 -8.10
N SER A 37 11.11 -1.60 -7.31
CA SER A 37 11.51 -1.15 -5.97
C SER A 37 12.31 0.16 -5.95
N GLY A 1 -19.97 9.17 0.62
CA GLY A 1 -18.64 8.58 0.90
C GLY A 1 -18.41 8.40 2.40
N SER A 2 -17.14 8.29 2.80
CA SER A 2 -16.70 8.10 4.20
C SER A 2 -15.36 8.78 4.48
N SER A 3 -15.04 8.97 5.77
CA SER A 3 -13.82 9.65 6.26
C SER A 3 -13.14 8.88 7.40
N GLY A 4 -11.84 9.07 7.58
CA GLY A 4 -11.02 8.44 8.64
C GLY A 4 -9.58 8.95 8.66
N SER A 5 -8.82 8.56 9.71
CA SER A 5 -7.41 8.93 9.91
C SER A 5 -6.64 7.90 10.74
N SER A 6 -7.24 7.39 11.82
CA SER A 6 -6.61 6.46 12.77
C SER A 6 -6.04 5.20 12.10
N GLY A 7 -4.79 4.87 12.41
CA GLY A 7 -4.05 3.74 11.82
C GLY A 7 -3.48 3.96 10.40
N ARG A 8 -3.87 5.07 9.73
CA ARG A 8 -3.51 5.44 8.35
C ARG A 8 -3.90 4.42 7.26
N SER A 9 -3.71 4.79 6.00
CA SER A 9 -3.87 3.94 4.82
C SER A 9 -2.76 4.18 3.78
N TYR A 10 -2.58 3.23 2.87
CA TYR A 10 -1.52 3.19 1.86
C TYR A 10 -2.10 2.79 0.49
N SER A 11 -1.46 3.18 -0.62
CA SER A 11 -1.83 2.75 -1.97
C SER A 11 -0.63 2.43 -2.86
N CYS A 12 -0.75 1.39 -3.69
CA CYS A 12 0.31 0.86 -4.54
C CYS A 12 0.82 1.91 -5.57
N PRO A 13 2.14 2.14 -5.68
CA PRO A 13 2.70 3.06 -6.66
C PRO A 13 2.66 2.52 -8.11
N VAL A 14 2.29 1.26 -8.32
CA VAL A 14 2.31 0.58 -9.63
C VAL A 14 0.91 0.23 -10.16
N CYS A 15 -0.03 -0.16 -9.29
CA CYS A 15 -1.40 -0.57 -9.66
C CYS A 15 -2.54 0.09 -8.85
N GLU A 16 -2.19 1.00 -7.94
CA GLU A 16 -3.10 1.86 -7.17
C GLU A 16 -4.09 1.13 -6.21
N LYS A 17 -3.90 -0.17 -5.96
CA LYS A 17 -4.64 -0.91 -4.92
C LYS A 17 -4.38 -0.33 -3.52
N SER A 18 -5.43 -0.21 -2.70
CA SER A 18 -5.36 0.25 -1.31
C SER A 18 -4.95 -0.86 -0.32
N PHE A 19 -4.26 -0.46 0.75
CA PHE A 19 -3.80 -1.31 1.87
C PHE A 19 -3.92 -0.58 3.22
N SER A 20 -4.09 -1.33 4.30
CA SER A 20 -4.26 -0.80 5.67
C SER A 20 -2.97 -0.75 6.49
N GLU A 21 -1.90 -1.43 6.06
CA GLU A 21 -0.64 -1.58 6.83
C GLU A 21 0.60 -1.53 5.91
N ASP A 22 1.69 -0.93 6.42
CA ASP A 22 2.96 -0.76 5.71
C ASP A 22 3.61 -2.09 5.29
N ARG A 23 3.51 -3.12 6.13
CA ARG A 23 4.02 -4.48 5.82
C ARG A 23 3.24 -5.19 4.70
N LEU A 24 1.94 -4.90 4.57
CA LEU A 24 1.08 -5.54 3.55
C LEU A 24 1.33 -4.95 2.16
N ILE A 25 1.45 -3.62 2.06
CA ILE A 25 1.83 -2.99 0.78
C ILE A 25 3.26 -3.34 0.37
N LYS A 26 4.23 -3.41 1.31
CA LYS A 26 5.60 -3.86 1.00
C LYS A 26 5.65 -5.31 0.52
N SER A 27 4.87 -6.21 1.14
CA SER A 27 4.71 -7.60 0.67
C SER A 27 4.11 -7.65 -0.75
N HIS A 28 3.09 -6.84 -1.03
CA HIS A 28 2.48 -6.72 -2.35
C HIS A 28 3.48 -6.23 -3.42
N ILE A 29 4.23 -5.16 -3.13
CA ILE A 29 5.26 -4.63 -4.03
C ILE A 29 6.35 -5.68 -4.28
N LYS A 30 6.79 -6.41 -3.25
CA LYS A 30 7.85 -7.42 -3.32
C LYS A 30 7.47 -8.62 -4.18
N THR A 31 6.20 -9.07 -4.15
CA THR A 31 5.75 -10.27 -4.87
C THR A 31 5.13 -9.98 -6.25
N ASN A 32 4.54 -8.80 -6.47
CA ASN A 32 3.92 -8.42 -7.75
C ASN A 32 4.77 -7.46 -8.62
N HIS A 33 5.61 -6.63 -8.00
CA HIS A 33 6.32 -5.53 -8.66
C HIS A 33 7.87 -5.46 -8.39
N PRO A 34 8.61 -6.58 -8.21
CA PRO A 34 10.01 -6.53 -7.80
C PRO A 34 10.96 -5.90 -8.83
N GLU A 35 10.63 -6.02 -10.13
CA GLU A 35 11.39 -5.40 -11.23
C GLU A 35 11.14 -3.88 -11.38
N VAL A 36 10.23 -3.33 -10.58
CA VAL A 36 9.73 -1.94 -10.66
C VAL A 36 10.31 -1.05 -9.54
N SER A 37 10.78 -1.65 -8.44
CA SER A 37 11.43 -0.99 -7.29
C SER A 37 12.71 -0.23 -7.66
N GLY A 1 -18.40 12.29 12.28
CA GLY A 1 -18.61 11.07 13.09
C GLY A 1 -17.28 10.45 13.53
N SER A 2 -17.25 9.88 14.73
CA SER A 2 -16.04 9.28 15.36
C SER A 2 -15.81 7.79 15.04
N SER A 3 -16.77 7.14 14.36
CA SER A 3 -16.74 5.70 14.03
C SER A 3 -15.63 5.32 13.02
N GLY A 4 -15.15 4.07 13.10
CA GLY A 4 -14.14 3.50 12.20
C GLY A 4 -12.68 3.89 12.51
N SER A 5 -11.75 3.24 11.82
CA SER A 5 -10.28 3.36 12.01
C SER A 5 -9.49 3.55 10.70
N SER A 6 -10.17 3.72 9.57
CA SER A 6 -9.60 3.78 8.21
C SER A 6 -9.05 5.16 7.80
N GLY A 7 -8.72 6.03 8.77
CA GLY A 7 -8.23 7.40 8.53
C GLY A 7 -6.84 7.49 7.87
N ARG A 8 -6.04 6.41 7.91
CA ARG A 8 -4.76 6.25 7.20
C ARG A 8 -4.74 4.95 6.38
N SER A 9 -4.28 5.04 5.13
CA SER A 9 -4.12 3.91 4.18
C SER A 9 -2.85 4.07 3.34
N TYR A 10 -2.38 2.97 2.75
CA TYR A 10 -1.24 2.90 1.84
C TYR A 10 -1.72 2.47 0.45
N SER A 11 -1.20 3.10 -0.61
CA SER A 11 -1.65 2.87 -2.01
C SER A 11 -0.49 2.47 -2.93
N CYS A 12 -0.68 1.40 -3.71
CA CYS A 12 0.32 0.84 -4.61
C CYS A 12 0.88 1.87 -5.61
N PRO A 13 2.21 1.99 -5.77
CA PRO A 13 2.83 2.91 -6.73
C PRO A 13 2.70 2.47 -8.19
N VAL A 14 2.23 1.25 -8.47
CA VAL A 14 2.16 0.67 -9.83
C VAL A 14 0.73 0.36 -10.30
N CYS A 15 -0.16 -0.09 -9.40
CA CYS A 15 -1.54 -0.51 -9.73
C CYS A 15 -2.66 0.05 -8.81
N GLU A 16 -2.29 1.00 -7.96
CA GLU A 16 -3.17 1.85 -7.13
C GLU A 16 -4.09 1.12 -6.11
N LYS A 17 -3.87 -0.18 -5.87
CA LYS A 17 -4.56 -0.96 -4.82
C LYS A 17 -4.25 -0.46 -3.42
N SER A 18 -5.24 -0.57 -2.52
CA SER A 18 -5.17 -0.05 -1.15
C SER A 18 -4.88 -1.12 -0.10
N PHE A 19 -4.14 -0.73 0.94
CA PHE A 19 -3.66 -1.56 2.04
C PHE A 19 -3.71 -0.79 3.38
N SER A 20 -3.92 -1.51 4.48
CA SER A 20 -4.08 -0.92 5.83
C SER A 20 -2.77 -0.77 6.63
N GLU A 21 -1.68 -1.43 6.20
CA GLU A 21 -0.38 -1.43 6.91
C GLU A 21 0.81 -1.39 5.94
N ASP A 22 1.93 -0.81 6.39
CA ASP A 22 3.20 -0.69 5.65
C ASP A 22 3.76 -2.05 5.21
N ARG A 23 3.64 -3.08 6.05
CA ARG A 23 4.05 -4.46 5.73
C ARG A 23 3.21 -5.11 4.64
N LEU A 24 1.94 -4.73 4.48
CA LEU A 24 1.01 -5.32 3.51
C LEU A 24 1.26 -4.75 2.10
N ILE A 25 1.47 -3.43 1.99
CA ILE A 25 1.90 -2.84 0.70
C ILE A 25 3.30 -3.31 0.29
N LYS A 26 4.24 -3.44 1.24
CA LYS A 26 5.58 -4.01 0.93
C LYS A 26 5.51 -5.47 0.49
N SER A 27 4.65 -6.28 1.09
CA SER A 27 4.39 -7.65 0.63
C SER A 27 3.81 -7.69 -0.79
N HIS A 28 2.89 -6.78 -1.12
CA HIS A 28 2.35 -6.63 -2.48
C HIS A 28 3.42 -6.19 -3.49
N ILE A 29 4.24 -5.19 -3.16
CA ILE A 29 5.35 -4.72 -3.99
C ILE A 29 6.36 -5.85 -4.24
N LYS A 30 6.71 -6.66 -3.22
CA LYS A 30 7.67 -7.76 -3.34
C LYS A 30 7.16 -8.93 -4.19
N THR A 31 5.85 -9.18 -4.22
CA THR A 31 5.22 -10.28 -4.96
C THR A 31 4.79 -9.90 -6.38
N ASN A 32 4.41 -8.64 -6.62
CA ASN A 32 3.83 -8.19 -7.90
C ASN A 32 4.72 -7.19 -8.68
N HIS A 33 5.57 -6.41 -8.00
CA HIS A 33 6.32 -5.28 -8.57
C HIS A 33 7.83 -5.21 -8.20
N PRO A 34 8.55 -6.33 -7.93
CA PRO A 34 9.90 -6.26 -7.35
C PRO A 34 10.97 -5.65 -8.28
N GLU A 35 10.78 -5.74 -9.60
CA GLU A 35 11.65 -5.13 -10.61
C GLU A 35 11.21 -3.72 -11.05
N VAL A 36 10.13 -3.19 -10.45
CA VAL A 36 9.42 -1.97 -10.88
C VAL A 36 9.56 -0.82 -9.87
N SER A 37 9.50 -1.15 -8.57
CA SER A 37 9.60 -0.19 -7.44
C SER A 37 11.04 0.03 -6.98
N GLY A 1 -8.11 17.24 1.92
CA GLY A 1 -8.62 15.95 2.46
C GLY A 1 -9.98 16.13 3.13
N SER A 2 -10.82 15.09 3.08
CA SER A 2 -12.19 15.10 3.62
C SER A 2 -12.29 14.89 5.13
N SER A 3 -11.25 14.33 5.76
CA SER A 3 -11.25 13.85 7.16
C SER A 3 -12.36 12.84 7.48
N GLY A 4 -12.86 12.11 6.46
CA GLY A 4 -13.97 11.15 6.59
C GLY A 4 -13.64 9.82 7.28
N SER A 5 -12.37 9.56 7.58
CA SER A 5 -11.88 8.34 8.24
C SER A 5 -10.69 8.62 9.19
N SER A 6 -10.48 7.71 10.14
CA SER A 6 -9.40 7.75 11.14
C SER A 6 -8.18 6.89 10.73
N GLY A 7 -7.04 7.09 11.41
CA GLY A 7 -5.80 6.36 11.15
C GLY A 7 -5.12 6.74 9.83
N ARG A 8 -4.47 5.77 9.18
CA ARG A 8 -3.76 5.92 7.89
C ARG A 8 -3.96 4.72 6.95
N SER A 9 -3.70 4.93 5.67
CA SER A 9 -3.67 3.90 4.62
C SER A 9 -2.55 4.15 3.59
N TYR A 10 -2.25 3.14 2.78
CA TYR A 10 -1.22 3.14 1.73
C TYR A 10 -1.82 2.66 0.40
N SER A 11 -1.26 3.08 -0.75
CA SER A 11 -1.70 2.62 -2.07
C SER A 11 -0.54 2.32 -3.02
N CYS A 12 -0.70 1.27 -3.84
CA CYS A 12 0.34 0.72 -4.73
C CYS A 12 0.87 1.78 -5.73
N PRO A 13 2.20 1.90 -5.90
CA PRO A 13 2.81 2.82 -6.86
C PRO A 13 2.65 2.39 -8.33
N VAL A 14 2.18 1.16 -8.61
CA VAL A 14 2.07 0.60 -9.97
C VAL A 14 0.62 0.32 -10.39
N CYS A 15 -0.22 -0.19 -9.48
CA CYS A 15 -1.61 -0.63 -9.78
C CYS A 15 -2.70 -0.06 -8.85
N GLU A 16 -2.32 0.90 -8.00
CA GLU A 16 -3.19 1.76 -7.16
C GLU A 16 -4.08 1.05 -6.12
N LYS A 17 -3.89 -0.25 -5.88
CA LYS A 17 -4.59 -1.02 -4.84
C LYS A 17 -4.26 -0.52 -3.43
N SER A 18 -5.26 -0.56 -2.55
CA SER A 18 -5.19 0.02 -1.20
C SER A 18 -4.86 -1.01 -0.10
N PHE A 19 -4.08 -0.59 0.90
CA PHE A 19 -3.61 -1.41 2.03
C PHE A 19 -3.65 -0.63 3.35
N SER A 20 -3.94 -1.32 4.46
CA SER A 20 -4.08 -0.71 5.79
C SER A 20 -2.76 -0.60 6.58
N GLU A 21 -1.71 -1.31 6.16
CA GLU A 21 -0.44 -1.44 6.88
C GLU A 21 0.78 -1.41 5.94
N ASP A 22 1.90 -0.88 6.43
CA ASP A 22 3.16 -0.75 5.69
C ASP A 22 3.73 -2.10 5.22
N ARG A 23 3.61 -3.14 6.05
CA ARG A 23 4.01 -4.51 5.72
C ARG A 23 3.16 -5.17 4.63
N LEU A 24 1.89 -4.77 4.48
CA LEU A 24 0.97 -5.34 3.48
C LEU A 24 1.25 -4.77 2.09
N ILE A 25 1.47 -3.45 1.97
CA ILE A 25 1.89 -2.86 0.69
C ILE A 25 3.31 -3.32 0.30
N LYS A 26 4.25 -3.46 1.24
CA LYS A 26 5.59 -4.01 0.95
C LYS A 26 5.51 -5.47 0.49
N SER A 27 4.65 -6.29 1.10
CA SER A 27 4.40 -7.67 0.62
C SER A 27 3.82 -7.69 -0.80
N HIS A 28 2.89 -6.78 -1.12
CA HIS A 28 2.35 -6.64 -2.47
C HIS A 28 3.41 -6.22 -3.50
N ILE A 29 4.22 -5.20 -3.19
CA ILE A 29 5.31 -4.74 -4.05
C ILE A 29 6.32 -5.88 -4.30
N LYS A 30 6.70 -6.64 -3.26
CA LYS A 30 7.67 -7.74 -3.37
C LYS A 30 7.16 -8.94 -4.20
N THR A 31 5.86 -9.20 -4.20
CA THR A 31 5.24 -10.32 -4.92
C THR A 31 4.77 -9.97 -6.34
N ASN A 32 4.32 -8.73 -6.58
CA ASN A 32 3.70 -8.30 -7.84
C ASN A 32 4.58 -7.35 -8.67
N HIS A 33 5.47 -6.57 -8.04
CA HIS A 33 6.26 -5.51 -8.71
C HIS A 33 7.76 -5.53 -8.29
N PRO A 34 8.52 -6.62 -8.54
CA PRO A 34 9.87 -6.80 -7.97
C PRO A 34 10.91 -5.72 -8.33
N GLU A 35 10.78 -5.08 -9.51
CA GLU A 35 11.69 -4.03 -9.98
C GLU A 35 11.61 -2.71 -9.18
N VAL A 36 10.62 -2.59 -8.31
CA VAL A 36 10.31 -1.38 -7.51
C VAL A 36 10.97 -1.41 -6.13
N SER A 37 11.33 -2.60 -5.63
CA SER A 37 11.98 -2.85 -4.33
C SER A 37 13.36 -2.19 -4.20
N GLY A 1 -17.79 1.03 -5.56
CA GLY A 1 -16.40 1.10 -5.04
C GLY A 1 -16.33 0.84 -3.55
N SER A 2 -15.18 1.12 -2.93
CA SER A 2 -14.92 0.97 -1.50
C SER A 2 -13.90 2.00 -0.98
N SER A 3 -13.93 2.29 0.32
CA SER A 3 -13.08 3.27 1.01
C SER A 3 -12.56 2.73 2.35
N GLY A 4 -11.32 3.08 2.73
CA GLY A 4 -10.71 2.70 4.01
C GLY A 4 -11.33 3.41 5.22
N SER A 5 -11.54 2.66 6.31
CA SER A 5 -12.13 3.16 7.56
C SER A 5 -11.08 3.66 8.59
N SER A 6 -9.83 3.23 8.46
CA SER A 6 -8.71 3.62 9.34
C SER A 6 -8.21 5.05 9.06
N GLY A 7 -7.59 5.68 10.06
CA GLY A 7 -7.01 7.04 9.97
C GLY A 7 -5.74 7.13 9.11
N ARG A 8 -5.16 6.00 8.70
CA ARG A 8 -4.02 5.87 7.77
C ARG A 8 -4.27 4.76 6.74
N SER A 9 -3.79 4.97 5.51
CA SER A 9 -3.91 4.05 4.38
C SER A 9 -2.71 4.17 3.43
N TYR A 10 -2.41 3.11 2.67
CA TYR A 10 -1.27 3.03 1.75
C TYR A 10 -1.74 2.51 0.38
N SER A 11 -1.24 3.09 -0.72
CA SER A 11 -1.67 2.73 -2.09
C SER A 11 -0.48 2.39 -3.00
N CYS A 12 -0.61 1.30 -3.76
CA CYS A 12 0.43 0.73 -4.61
C CYS A 12 1.02 1.75 -5.62
N PRO A 13 2.36 1.83 -5.77
CA PRO A 13 3.00 2.72 -6.73
C PRO A 13 2.84 2.29 -8.20
N VAL A 14 2.33 1.06 -8.47
CA VAL A 14 2.25 0.48 -9.82
C VAL A 14 0.81 0.19 -10.28
N CYS A 15 -0.10 -0.20 -9.38
CA CYS A 15 -1.50 -0.52 -9.71
C CYS A 15 -2.57 0.18 -8.83
N GLU A 16 -2.13 1.04 -7.91
CA GLU A 16 -2.96 1.91 -7.04
C GLU A 16 -3.92 1.18 -6.08
N LYS A 17 -3.83 -0.15 -5.94
CA LYS A 17 -4.57 -0.93 -4.94
C LYS A 17 -4.18 -0.54 -3.51
N SER A 18 -5.16 -0.55 -2.61
CA SER A 18 -5.04 0.00 -1.24
C SER A 18 -4.85 -1.06 -0.15
N PHE A 19 -4.14 -0.67 0.91
CA PHE A 19 -3.73 -1.51 2.04
C PHE A 19 -3.82 -0.73 3.37
N SER A 20 -4.10 -1.42 4.47
CA SER A 20 -4.26 -0.84 5.81
C SER A 20 -2.95 -0.76 6.62
N GLU A 21 -1.89 -1.46 6.20
CA GLU A 21 -0.62 -1.58 6.93
C GLU A 21 0.60 -1.51 5.99
N ASP A 22 1.70 -0.94 6.49
CA ASP A 22 2.96 -0.74 5.75
C ASP A 22 3.61 -2.06 5.29
N ARG A 23 3.51 -3.12 6.10
CA ARG A 23 4.01 -4.47 5.75
C ARG A 23 3.20 -5.15 4.64
N LEU A 24 1.91 -4.84 4.51
CA LEU A 24 1.02 -5.43 3.50
C LEU A 24 1.28 -4.84 2.11
N ILE A 25 1.45 -3.51 2.01
CA ILE A 25 1.86 -2.88 0.74
C ILE A 25 3.29 -3.28 0.35
N LYS A 26 4.24 -3.38 1.29
CA LYS A 26 5.60 -3.88 0.99
C LYS A 26 5.61 -5.32 0.51
N SER A 27 4.80 -6.19 1.12
CA SER A 27 4.59 -7.57 0.64
C SER A 27 4.02 -7.59 -0.78
N HIS A 28 3.02 -6.75 -1.08
CA HIS A 28 2.46 -6.61 -2.44
C HIS A 28 3.49 -6.12 -3.46
N ILE A 29 4.26 -5.08 -3.14
CA ILE A 29 5.31 -4.54 -4.01
C ILE A 29 6.35 -5.64 -4.34
N LYS A 30 6.79 -6.43 -3.35
CA LYS A 30 7.83 -7.45 -3.53
C LYS A 30 7.35 -8.72 -4.23
N THR A 31 6.06 -9.06 -4.16
CA THR A 31 5.47 -10.23 -4.81
C THR A 31 4.93 -9.95 -6.22
N ASN A 32 4.36 -8.77 -6.46
CA ASN A 32 3.67 -8.42 -7.71
C ASN A 32 4.48 -7.48 -8.61
N HIS A 33 5.36 -6.64 -8.04
CA HIS A 33 6.09 -5.58 -8.75
C HIS A 33 7.60 -5.48 -8.41
N PRO A 34 8.36 -6.59 -8.23
CA PRO A 34 9.74 -6.53 -7.72
C PRO A 34 10.73 -5.72 -8.57
N GLU A 35 10.41 -5.46 -9.84
CA GLU A 35 11.16 -4.56 -10.73
C GLU A 35 11.18 -3.08 -10.25
N VAL A 36 10.26 -2.67 -9.37
CA VAL A 36 10.16 -1.29 -8.83
C VAL A 36 10.97 -1.06 -7.55
N SER A 37 11.39 -2.13 -6.86
CA SER A 37 12.10 -2.10 -5.56
C SER A 37 13.10 -3.26 -5.43
N GLY A 1 -12.68 18.40 3.14
CA GLY A 1 -12.82 17.33 4.16
C GLY A 1 -12.50 15.96 3.57
N SER A 2 -12.39 14.95 4.44
CA SER A 2 -12.11 13.55 4.07
C SER A 2 -12.74 12.55 5.06
N SER A 3 -13.07 11.35 4.57
CA SER A 3 -13.49 10.20 5.38
C SER A 3 -12.30 9.40 5.96
N GLY A 4 -11.07 9.71 5.55
CA GLY A 4 -9.84 9.00 5.97
C GLY A 4 -9.38 9.26 7.41
N SER A 5 -10.07 10.13 8.17
CA SER A 5 -9.70 10.50 9.55
C SER A 5 -9.76 9.35 10.57
N SER A 6 -10.44 8.25 10.25
CA SER A 6 -10.61 7.08 11.14
C SER A 6 -9.35 6.21 11.30
N GLY A 7 -8.39 6.29 10.38
CA GLY A 7 -7.13 5.52 10.42
C GLY A 7 -6.34 5.58 9.10
N ARG A 8 -5.04 5.26 9.16
CA ARG A 8 -4.12 5.32 8.00
C ARG A 8 -4.45 4.26 6.94
N SER A 9 -4.12 4.59 5.68
CA SER A 9 -4.14 3.69 4.53
C SER A 9 -2.87 3.86 3.67
N TYR A 10 -2.54 2.83 2.91
CA TYR A 10 -1.35 2.74 2.04
C TYR A 10 -1.79 2.33 0.62
N SER A 11 -1.13 2.84 -0.41
CA SER A 11 -1.52 2.59 -1.82
C SER A 11 -0.33 2.28 -2.74
N CYS A 12 -0.57 1.43 -3.74
CA CYS A 12 0.45 0.91 -4.64
C CYS A 12 0.92 1.99 -5.64
N PRO A 13 2.25 2.21 -5.80
CA PRO A 13 2.79 3.14 -6.78
C PRO A 13 2.74 2.59 -8.23
N VAL A 14 2.37 1.32 -8.43
CA VAL A 14 2.40 0.63 -9.74
C VAL A 14 0.99 0.31 -10.27
N CYS A 15 0.05 -0.09 -9.40
CA CYS A 15 -1.31 -0.52 -9.78
C CYS A 15 -2.45 0.06 -8.91
N GLU A 16 -2.14 1.03 -8.06
CA GLU A 16 -3.04 1.89 -7.28
C GLU A 16 -3.98 1.19 -6.25
N LYS A 17 -3.80 -0.12 -6.01
CA LYS A 17 -4.53 -0.89 -4.99
C LYS A 17 -4.20 -0.42 -3.57
N SER A 18 -5.18 -0.50 -2.68
CA SER A 18 -5.11 0.00 -1.30
C SER A 18 -5.02 -1.10 -0.24
N PHE A 19 -4.25 -0.83 0.83
CA PHE A 19 -3.93 -1.74 1.93
C PHE A 19 -3.90 -1.00 3.28
N SER A 20 -4.11 -1.73 4.38
CA SER A 20 -4.28 -1.16 5.72
C SER A 20 -2.97 -0.84 6.47
N GLU A 21 -1.84 -1.43 6.06
CA GLU A 21 -0.56 -1.34 6.79
C GLU A 21 0.66 -1.31 5.85
N ASP A 22 1.78 -0.76 6.33
CA ASP A 22 3.06 -0.78 5.62
C ASP A 22 3.59 -2.22 5.42
N ARG A 23 3.37 -3.10 6.41
CA ARG A 23 3.68 -4.54 6.34
C ARG A 23 2.84 -5.32 5.31
N LEU A 24 1.81 -4.69 4.73
CA LEU A 24 1.02 -5.22 3.62
C LEU A 24 1.46 -4.61 2.28
N ILE A 25 1.66 -3.29 2.21
CA ILE A 25 2.03 -2.63 0.94
C ILE A 25 3.43 -3.02 0.44
N LYS A 26 4.41 -3.17 1.34
CA LYS A 26 5.77 -3.61 0.96
C LYS A 26 5.76 -5.04 0.45
N SER A 27 4.97 -5.92 1.06
CA SER A 27 4.77 -7.31 0.60
C SER A 27 4.05 -7.36 -0.76
N HIS A 28 3.05 -6.51 -0.99
CA HIS A 28 2.38 -6.38 -2.29
C HIS A 28 3.34 -5.97 -3.40
N ILE A 29 4.16 -4.94 -3.16
CA ILE A 29 5.17 -4.46 -4.11
C ILE A 29 6.23 -5.55 -4.38
N LYS A 30 6.67 -6.27 -3.35
CA LYS A 30 7.69 -7.31 -3.43
C LYS A 30 7.24 -8.52 -4.26
N THR A 31 5.98 -8.96 -4.11
CA THR A 31 5.48 -10.18 -4.78
C THR A 31 4.86 -9.91 -6.17
N ASN A 32 4.31 -8.70 -6.42
CA ASN A 32 3.68 -8.35 -7.71
C ASN A 32 4.56 -7.49 -8.63
N HIS A 33 5.46 -6.67 -8.06
CA HIS A 33 6.21 -5.63 -8.79
C HIS A 33 7.75 -5.65 -8.50
N PRO A 34 8.43 -6.81 -8.41
CA PRO A 34 9.82 -6.89 -7.96
C PRO A 34 10.83 -6.17 -8.88
N GLU A 35 10.56 -6.11 -10.19
CA GLU A 35 11.40 -5.40 -11.17
C GLU A 35 11.20 -3.86 -11.17
N VAL A 36 10.29 -3.37 -10.34
CA VAL A 36 9.82 -1.97 -10.30
C VAL A 36 10.29 -1.22 -9.04
N SER A 37 10.73 -1.96 -8.00
CA SER A 37 11.28 -1.46 -6.73
C SER A 37 12.49 -0.53 -6.91
N GLY A 1 -10.41 24.38 1.87
CA GLY A 1 -11.05 23.34 2.69
C GLY A 1 -10.24 22.06 2.76
N SER A 2 -10.75 21.04 3.45
CA SER A 2 -10.12 19.71 3.61
C SER A 2 -11.17 18.60 3.75
N SER A 3 -10.82 17.39 3.29
CA SER A 3 -11.60 16.16 3.49
C SER A 3 -11.33 15.47 4.84
N GLY A 4 -10.33 15.92 5.60
CA GLY A 4 -9.96 15.35 6.90
C GLY A 4 -9.22 14.01 6.85
N SER A 5 -8.65 13.64 5.68
CA SER A 5 -7.86 12.42 5.48
C SER A 5 -6.50 12.44 6.21
N SER A 6 -5.87 11.27 6.35
CA SER A 6 -4.58 11.07 7.05
C SER A 6 -3.62 10.14 6.29
N GLY A 7 -2.33 10.20 6.62
CA GLY A 7 -1.26 9.42 5.99
C GLY A 7 -1.15 7.94 6.45
N ARG A 8 -2.10 7.45 7.26
CA ARG A 8 -2.08 6.09 7.83
C ARG A 8 -2.58 4.99 6.88
N SER A 9 -3.17 5.36 5.74
CA SER A 9 -3.55 4.44 4.65
C SER A 9 -2.48 4.41 3.55
N TYR A 10 -2.33 3.27 2.89
CA TYR A 10 -1.32 3.02 1.85
C TYR A 10 -2.00 2.63 0.52
N SER A 11 -1.39 2.97 -0.62
CA SER A 11 -1.85 2.56 -1.96
C SER A 11 -0.70 2.28 -2.93
N CYS A 12 -0.87 1.27 -3.79
CA CYS A 12 0.16 0.78 -4.70
C CYS A 12 0.65 1.88 -5.69
N PRO A 13 1.97 2.11 -5.80
CA PRO A 13 2.52 3.08 -6.76
C PRO A 13 2.47 2.60 -8.23
N VAL A 14 2.11 1.33 -8.48
CA VAL A 14 2.08 0.72 -9.83
C VAL A 14 0.67 0.35 -10.30
N CYS A 15 -0.20 -0.14 -9.39
CA CYS A 15 -1.53 -0.67 -9.72
C CYS A 15 -2.69 -0.26 -8.79
N GLU A 16 -2.52 0.90 -8.14
CA GLU A 16 -3.47 1.70 -7.36
C GLU A 16 -4.13 1.08 -6.10
N LYS A 17 -4.16 -0.25 -5.96
CA LYS A 17 -4.84 -0.97 -4.86
C LYS A 17 -4.40 -0.52 -3.46
N SER A 18 -5.36 -0.42 -2.55
CA SER A 18 -5.18 0.12 -1.19
C SER A 18 -4.86 -0.97 -0.15
N PHE A 19 -4.08 -0.61 0.87
CA PHE A 19 -3.63 -1.47 1.97
C PHE A 19 -3.65 -0.73 3.32
N SER A 20 -3.90 -1.47 4.40
CA SER A 20 -4.09 -0.92 5.76
C SER A 20 -2.79 -0.77 6.57
N GLU A 21 -1.68 -1.36 6.10
CA GLU A 21 -0.40 -1.41 6.82
C GLU A 21 0.80 -1.34 5.85
N ASP A 22 1.95 -0.86 6.34
CA ASP A 22 3.20 -0.78 5.56
C ASP A 22 3.72 -2.16 5.15
N ARG A 23 3.55 -3.19 6.00
CA ARG A 23 3.93 -4.57 5.68
C ARG A 23 3.08 -5.19 4.57
N LEU A 24 1.80 -4.84 4.49
CA LEU A 24 0.88 -5.35 3.45
C LEU A 24 1.24 -4.80 2.07
N ILE A 25 1.52 -3.50 1.95
CA ILE A 25 1.96 -2.91 0.68
C ILE A 25 3.38 -3.35 0.31
N LYS A 26 4.31 -3.52 1.25
CA LYS A 26 5.65 -4.06 0.97
C LYS A 26 5.59 -5.51 0.46
N SER A 27 4.76 -6.36 1.05
CA SER A 27 4.51 -7.72 0.52
C SER A 27 3.90 -7.69 -0.89
N HIS A 28 2.95 -6.78 -1.16
CA HIS A 28 2.38 -6.61 -2.51
C HIS A 28 3.43 -6.17 -3.54
N ILE A 29 4.24 -5.16 -3.22
CA ILE A 29 5.32 -4.67 -4.09
C ILE A 29 6.34 -5.80 -4.35
N LYS A 30 6.73 -6.58 -3.33
CA LYS A 30 7.75 -7.63 -3.48
C LYS A 30 7.26 -8.88 -4.23
N THR A 31 5.95 -9.13 -4.29
CA THR A 31 5.33 -10.24 -5.03
C THR A 31 4.88 -9.88 -6.44
N ASN A 32 4.40 -8.65 -6.67
CA ASN A 32 3.81 -8.21 -7.94
C ASN A 32 4.72 -7.25 -8.74
N HIS A 33 5.58 -6.49 -8.07
CA HIS A 33 6.40 -5.42 -8.65
C HIS A 33 7.88 -5.48 -8.17
N PRO A 34 8.55 -6.65 -8.21
CA PRO A 34 9.86 -6.85 -7.56
C PRO A 34 10.98 -5.94 -8.07
N GLU A 35 11.00 -5.63 -9.37
CA GLU A 35 11.97 -4.70 -9.98
C GLU A 35 11.74 -3.22 -9.61
N VAL A 36 10.68 -2.94 -8.84
CA VAL A 36 10.20 -1.61 -8.42
C VAL A 36 10.33 -1.42 -6.89
N SER A 37 10.75 -2.46 -6.15
CA SER A 37 11.02 -2.44 -4.70
C SER A 37 12.26 -1.59 -4.35
N GLY A 1 -0.16 -0.63 20.25
CA GLY A 1 -1.41 -0.37 19.49
C GLY A 1 -1.51 1.07 19.04
N SER A 2 -2.73 1.60 18.93
CA SER A 2 -3.03 3.00 18.52
C SER A 2 -4.26 3.56 19.24
N SER A 3 -4.57 4.84 19.01
CA SER A 3 -5.75 5.52 19.56
C SER A 3 -7.09 5.06 18.94
N GLY A 4 -7.05 4.40 17.78
CA GLY A 4 -8.21 4.08 16.93
C GLY A 4 -8.71 5.27 16.10
N SER A 5 -8.31 6.51 16.44
CA SER A 5 -8.62 7.74 15.69
C SER A 5 -7.59 8.05 14.60
N SER A 6 -6.34 7.58 14.77
CA SER A 6 -5.24 7.73 13.80
C SER A 6 -5.31 6.68 12.66
N GLY A 7 -6.51 6.50 12.07
CA GLY A 7 -6.77 5.56 10.98
C GLY A 7 -6.18 6.05 9.65
N ARG A 8 -5.30 5.24 9.05
CA ARG A 8 -4.47 5.58 7.87
C ARG A 8 -4.37 4.40 6.89
N SER A 9 -4.07 4.70 5.63
CA SER A 9 -3.90 3.72 4.53
C SER A 9 -2.74 4.05 3.59
N TYR A 10 -2.35 3.07 2.78
CA TYR A 10 -1.28 3.12 1.79
C TYR A 10 -1.79 2.62 0.43
N SER A 11 -1.26 3.12 -0.69
CA SER A 11 -1.67 2.70 -2.05
C SER A 11 -0.47 2.43 -2.97
N CYS A 12 -0.55 1.35 -3.76
CA CYS A 12 0.51 0.86 -4.63
C CYS A 12 0.96 1.91 -5.68
N PRO A 13 2.28 2.12 -5.88
CA PRO A 13 2.80 3.04 -6.88
C PRO A 13 2.66 2.52 -8.33
N VAL A 14 2.34 1.24 -8.53
CA VAL A 14 2.27 0.60 -9.87
C VAL A 14 0.82 0.31 -10.31
N CYS A 15 -0.06 -0.15 -9.40
CA CYS A 15 -1.43 -0.58 -9.72
C CYS A 15 -2.54 0.07 -8.85
N GLU A 16 -2.16 0.96 -7.94
CA GLU A 16 -3.04 1.77 -7.07
C GLU A 16 -3.98 0.96 -6.13
N LYS A 17 -3.70 -0.33 -5.91
CA LYS A 17 -4.37 -1.16 -4.89
C LYS A 17 -4.05 -0.62 -3.48
N SER A 18 -5.06 -0.56 -2.60
CA SER A 18 -4.95 0.04 -1.26
C SER A 18 -4.82 -1.00 -0.13
N PHE A 19 -4.09 -0.63 0.92
CA PHE A 19 -3.70 -1.47 2.06
C PHE A 19 -3.77 -0.69 3.39
N SER A 20 -4.07 -1.39 4.49
CA SER A 20 -4.28 -0.77 5.82
C SER A 20 -2.99 -0.59 6.64
N GLU A 21 -1.91 -1.31 6.31
CA GLU A 21 -0.64 -1.33 7.07
C GLU A 21 0.58 -1.41 6.14
N ASP A 22 1.72 -0.88 6.59
CA ASP A 22 2.93 -0.72 5.78
C ASP A 22 3.52 -2.07 5.28
N ARG A 23 3.48 -3.11 6.11
CA ARG A 23 3.97 -4.46 5.77
C ARG A 23 3.11 -5.18 4.74
N LEU A 24 1.83 -4.81 4.61
CA LEU A 24 0.92 -5.38 3.60
C LEU A 24 1.22 -4.82 2.20
N ILE A 25 1.41 -3.51 2.08
CA ILE A 25 1.84 -2.89 0.81
C ILE A 25 3.28 -3.30 0.44
N LYS A 26 4.21 -3.35 1.40
CA LYS A 26 5.59 -3.84 1.15
C LYS A 26 5.59 -5.28 0.62
N SER A 27 4.78 -6.17 1.21
CA SER A 27 4.60 -7.54 0.73
C SER A 27 3.99 -7.57 -0.68
N HIS A 28 2.97 -6.75 -0.96
CA HIS A 28 2.36 -6.66 -2.29
C HIS A 28 3.37 -6.22 -3.36
N ILE A 29 4.08 -5.11 -3.14
CA ILE A 29 5.04 -4.58 -4.11
C ILE A 29 6.14 -5.62 -4.39
N LYS A 30 6.64 -6.33 -3.36
CA LYS A 30 7.70 -7.31 -3.49
C LYS A 30 7.28 -8.59 -4.22
N THR A 31 6.02 -9.01 -4.09
CA THR A 31 5.46 -10.20 -4.74
C THR A 31 4.88 -9.95 -6.13
N ASN A 32 4.40 -8.73 -6.42
CA ASN A 32 3.71 -8.38 -7.68
C ASN A 32 4.53 -7.52 -8.64
N HIS A 33 5.51 -6.75 -8.13
CA HIS A 33 6.26 -5.75 -8.91
C HIS A 33 7.79 -5.88 -8.67
N PRO A 34 8.44 -6.94 -9.21
CA PRO A 34 9.85 -7.29 -8.92
C PRO A 34 10.90 -6.21 -9.22
N GLU A 35 10.63 -5.27 -10.13
CA GLU A 35 11.53 -4.16 -10.45
C GLU A 35 11.55 -3.04 -9.40
N VAL A 36 10.71 -3.15 -8.36
CA VAL A 36 10.44 -2.10 -7.35
C VAL A 36 10.94 -2.49 -5.95
N SER A 37 10.72 -3.74 -5.55
CA SER A 37 11.10 -4.33 -4.25
C SER A 37 11.51 -5.81 -4.35
N GLY A 1 -11.89 10.84 14.22
CA GLY A 1 -11.51 11.54 12.97
C GLY A 1 -10.10 11.15 12.53
N SER A 2 -9.85 11.15 11.21
CA SER A 2 -8.59 10.70 10.60
C SER A 2 -7.36 11.55 10.97
N SER A 3 -7.56 12.79 11.41
CA SER A 3 -6.50 13.68 11.94
C SER A 3 -5.86 13.19 13.25
N GLY A 4 -6.48 12.22 13.94
CA GLY A 4 -5.94 11.58 15.16
C GLY A 4 -4.72 10.67 14.94
N SER A 5 -4.35 10.39 13.68
CA SER A 5 -3.18 9.58 13.28
C SER A 5 -3.18 8.14 13.83
N SER A 6 -4.36 7.56 14.06
CA SER A 6 -4.57 6.19 14.57
C SER A 6 -4.38 5.12 13.48
N GLY A 7 -3.16 5.02 12.97
CA GLY A 7 -2.82 4.24 11.77
C GLY A 7 -3.15 4.97 10.46
N ARG A 8 -2.68 4.45 9.32
CA ARG A 8 -2.84 5.06 7.98
C ARG A 8 -3.06 3.98 6.90
N SER A 9 -3.72 4.38 5.81
CA SER A 9 -3.86 3.57 4.58
C SER A 9 -2.81 3.98 3.53
N TYR A 10 -2.37 3.02 2.72
CA TYR A 10 -1.30 3.15 1.72
C TYR A 10 -1.76 2.65 0.34
N SER A 11 -1.27 3.27 -0.74
CA SER A 11 -1.66 2.98 -2.12
C SER A 11 -0.48 2.53 -2.99
N CYS A 12 -0.65 1.45 -3.76
CA CYS A 12 0.37 0.85 -4.62
C CYS A 12 0.94 1.88 -5.63
N PRO A 13 2.27 2.00 -5.77
CA PRO A 13 2.91 2.92 -6.71
C PRO A 13 2.81 2.46 -8.18
N VAL A 14 2.29 1.26 -8.46
CA VAL A 14 2.25 0.66 -9.81
C VAL A 14 0.82 0.34 -10.30
N CYS A 15 -0.08 -0.12 -9.42
CA CYS A 15 -1.45 -0.53 -9.77
C CYS A 15 -2.58 0.04 -8.87
N GLU A 16 -2.21 0.98 -8.00
CA GLU A 16 -3.09 1.83 -7.17
C GLU A 16 -4.04 1.10 -6.19
N LYS A 17 -3.80 -0.18 -5.89
CA LYS A 17 -4.52 -0.96 -4.86
C LYS A 17 -4.21 -0.45 -3.44
N SER A 18 -5.18 -0.60 -2.54
CA SER A 18 -5.15 -0.03 -1.18
C SER A 18 -4.82 -1.07 -0.09
N PHE A 19 -4.04 -0.67 0.92
CA PHE A 19 -3.58 -1.52 2.03
C PHE A 19 -3.61 -0.76 3.37
N SER A 20 -4.16 -1.39 4.41
CA SER A 20 -4.31 -0.80 5.76
C SER A 20 -3.05 -0.88 6.64
N GLU A 21 -1.97 -1.48 6.13
CA GLU A 21 -0.71 -1.75 6.84
C GLU A 21 0.49 -1.53 5.91
N ASP A 22 1.58 -0.97 6.43
CA ASP A 22 2.81 -0.73 5.67
C ASP A 22 3.52 -2.05 5.25
N ARG A 23 3.43 -3.08 6.09
CA ARG A 23 3.94 -4.43 5.78
C ARG A 23 3.16 -5.13 4.66
N LEU A 24 1.88 -4.83 4.49
CA LEU A 24 1.04 -5.43 3.43
C LEU A 24 1.29 -4.80 2.07
N ILE A 25 1.45 -3.46 1.99
CA ILE A 25 1.88 -2.82 0.72
C ILE A 25 3.32 -3.22 0.36
N LYS A 26 4.25 -3.30 1.32
CA LYS A 26 5.62 -3.80 1.05
C LYS A 26 5.61 -5.26 0.57
N SER A 27 4.77 -6.12 1.14
CA SER A 27 4.58 -7.50 0.65
C SER A 27 4.00 -7.54 -0.77
N HIS A 28 3.00 -6.69 -1.08
CA HIS A 28 2.45 -6.56 -2.44
C HIS A 28 3.49 -6.07 -3.45
N ILE A 29 4.27 -5.05 -3.11
CA ILE A 29 5.39 -4.56 -3.94
C ILE A 29 6.41 -5.69 -4.15
N LYS A 30 6.80 -6.44 -3.12
CA LYS A 30 7.80 -7.51 -3.23
C LYS A 30 7.34 -8.72 -4.06
N THR A 31 6.04 -9.04 -4.06
CA THR A 31 5.46 -10.20 -4.77
C THR A 31 4.99 -9.89 -6.19
N ASN A 32 4.37 -8.73 -6.40
CA ASN A 32 3.76 -8.33 -7.68
C ASN A 32 4.64 -7.34 -8.46
N HIS A 33 5.40 -6.48 -7.76
CA HIS A 33 6.24 -5.45 -8.37
C HIS A 33 7.68 -5.35 -7.90
N PRO A 34 8.38 -6.50 -7.87
CA PRO A 34 9.79 -6.38 -8.02
C PRO A 34 9.91 -5.92 -9.50
N GLU A 35 11.13 -5.88 -9.93
CA GLU A 35 11.71 -5.28 -11.16
C GLU A 35 11.28 -3.81 -11.45
N VAL A 36 10.29 -3.25 -10.75
CA VAL A 36 9.82 -1.85 -10.80
C VAL A 36 10.29 -1.03 -9.59
N SER A 37 10.32 -1.66 -8.40
CA SER A 37 10.67 -1.03 -7.10
C SER A 37 11.50 -1.96 -6.22
#